data_6SIS
#
_entry.id   6SIS
#
_cell.length_a   99.459
_cell.length_b   99.459
_cell.length_c   148.426
_cell.angle_alpha   90.000
_cell.angle_beta   90.000
_cell.angle_gamma   120.000
#
_symmetry.space_group_name_H-M   'P 32'
#
loop_
_entity.id
_entity.type
_entity.pdbx_description
1 polymer 'Bromodomain-containing protein 4'
2 polymer Elongin-B
3 polymer Elongin-C
4 polymer 'von Hippel-Lindau disease tumor suppressor'
5 non-polymer ~{N}-[(5~{S},7~{R},11~{S},23~{S})-11-~{tert}-butyl-34-(4-methyl-1,3-thiazol-5-yl)-7-oxidanyl-4,10,13-tris(oxidanylidene)-15,18,21,25,28,31-hexaoxa-3,9,12-triazatricyclo[30.4.0.0^{5,9}]hexatriaconta-1(32),33,35-trien-23-yl]-2-[(7~{S},9~{S})-7-(4-chlorophenyl)-4,5,13-trimethyl-3-thia-1,8,11,12-tetrazatricyclo[8.3.0.0^{2,6}]trideca-2(6),4,10,12-tetraen-9-yl]ethanamide
6 water water
#
loop_
_entity_poly.entity_id
_entity_poly.type
_entity_poly.pdbx_seq_one_letter_code
_entity_poly.pdbx_strand_id
1 'polypeptide(L)'
;SMKDVPDSQQHPAPEKSSKVSEQLKCCSGILKEMFAKKHAAYAWPFYKPVDVEALGLHDYCDIIKHPMDMSTIKSKLEAR
EYRDAQEFGADVRLMFSNCYKYNPPDHEVVAMARKLQDVFEMRFAKMPDE
;
A,E
2 'polypeptide(L)'
;MDVFLMIRRHKTTIFTDAKESSTVFELKRIVEGILKRPPDEQRLYKDDQLLDDGKTLGECGFTSQTARPQAPATVGLAFR
ADDTFEALCIEPFSSPPELPDVMK
;
B,F
3 'polypeptide(L)'
;MMYVKLISSDGHEFIVKREHALTSGTIKAMLSGPGQFAENETNEVNFREIPSHVLSKVCMYFTYKVRYTNSSTEIPEFPI
APEIALELLMAANFLDC
;
C,G
4 'polypeptide(L)'
;GSMEAGRPRPVLRSVNSREPSQVIFCNRSPRVVLPVWLNFDGEPQPYPTLPPGTGRRIHSYRGHLWLFRDAGTHDGLLVN
QTELFVPSLNVDGQPIFANITLPVYTLKERCLQVVRSLVKPENYRRLDIVRSLYEDLEDHPNVQKDLERLTQERIAHQRM
GD
;
D,H
#
loop_
_chem_comp.id
_chem_comp.type
_chem_comp.name
_chem_comp.formula
LFE non-polymer ~{N}-[(5~{S},7~{R},11~{S},23~{S})-11-~{tert}-butyl-34-(4-methyl-1,3-thiazol-5-yl)-7-oxidanyl-4,10,13-tris(oxidanylidene)-15,18,21,25,28,31-hexaoxa-3,9,12-triazatricyclo[30.4.0.0^{5,9}]hexatriaconta-1(32),33,35-trien-23-yl]-2-[(7~{S},9~{S})-7-(4-chlorophenyl)-4,5,13-trimethyl-3-thia-1,8,11,12-tetrazatricyclo[8.3.0.0^{2,6}]trideca-2(6),4,10,12-tetraen-9-yl]ethanamide 'C54 H70 Cl N9 O11 S2'
#
# COMPACT_ATOMS: atom_id res chain seq x y z
N LYS A 19 14.61 22.53 48.25
CA LYS A 19 14.93 23.90 47.77
C LYS A 19 14.77 23.95 46.24
N VAL A 20 15.56 23.12 45.54
CA VAL A 20 15.61 23.08 44.06
C VAL A 20 14.51 22.14 43.54
N SER A 21 14.30 21.02 44.24
CA SER A 21 13.27 20.02 43.89
C SER A 21 11.87 20.62 43.96
N GLU A 22 11.70 21.65 44.81
CA GLU A 22 10.45 22.40 44.96
C GLU A 22 10.11 23.08 43.62
N GLN A 23 11.11 23.75 43.03
CA GLN A 23 10.97 24.53 41.80
C GLN A 23 10.80 23.60 40.59
N LEU A 24 11.58 22.51 40.56
CA LEU A 24 11.59 21.55 39.43
C LEU A 24 10.21 20.91 39.25
N LYS A 25 9.44 20.81 40.34
CA LYS A 25 8.06 20.30 40.32
C LYS A 25 7.10 21.39 39.81
N CYS A 26 7.38 22.66 40.16
CA CYS A 26 6.64 23.82 39.65
C CYS A 26 6.87 23.98 38.14
N CYS A 27 8.08 23.62 37.68
CA CYS A 27 8.44 23.64 36.25
C CYS A 27 7.54 22.69 35.46
N SER A 28 7.27 21.51 36.04
CA SER A 28 6.38 20.51 35.45
C SER A 28 4.96 21.08 35.33
N GLY A 29 4.51 21.79 36.38
CA GLY A 29 3.20 22.43 36.43
C GLY A 29 3.00 23.45 35.30
N ILE A 30 4.07 24.18 34.96
CA ILE A 30 4.07 25.16 33.88
C ILE A 30 3.82 24.44 32.54
N LEU A 31 4.66 23.43 32.25
CA LEU A 31 4.62 22.70 30.97
C LEU A 31 3.24 22.08 30.77
N LYS A 32 2.60 21.62 31.86
CA LYS A 32 1.25 21.02 31.83
C LYS A 32 0.23 22.05 31.30
N GLU A 33 0.39 23.31 31.70
CA GLU A 33 -0.50 24.40 31.26
C GLU A 33 -0.21 24.77 29.80
N MET A 34 1.06 24.65 29.40
CA MET A 34 1.48 24.93 28.00
C MET A 34 0.86 23.88 27.06
N PHE A 35 0.75 22.64 27.53
CA PHE A 35 0.16 21.53 26.77
C PHE A 35 -1.38 21.59 26.80
N ALA A 36 -1.93 22.11 27.91
CA ALA A 36 -3.39 22.11 28.18
C ALA A 36 -4.17 22.72 27.01
N LYS A 37 -5.45 22.34 26.91
CA LYS A 37 -6.35 22.72 25.80
C LYS A 37 -6.62 24.23 25.82
N LYS A 38 -6.43 24.86 26.99
CA LYS A 38 -6.58 26.31 27.16
C LYS A 38 -5.71 27.07 26.15
N HIS A 39 -4.41 26.72 26.12
CA HIS A 39 -3.41 27.34 25.23
C HIS A 39 -3.09 26.40 24.06
N ALA A 40 -4.13 25.86 23.42
CA ALA A 40 -3.99 24.84 22.38
C ALA A 40 -3.71 25.51 21.02
N ALA A 41 -4.44 26.60 20.75
CA ALA A 41 -4.51 27.25 19.43
C ALA A 41 -3.12 27.66 18.93
N TYR A 42 -2.22 28.05 19.85
CA TYR A 42 -0.92 28.66 19.49
C TYR A 42 0.26 27.94 20.13
N ALA A 43 0.04 26.68 20.57
CA ALA A 43 1.13 25.87 21.20
C ALA A 43 1.36 24.56 20.43
N TRP A 44 0.51 24.26 19.44
CA TRP A 44 0.47 22.93 18.82
C TRP A 44 1.71 22.66 17.98
N PRO A 45 2.40 23.66 17.37
CA PRO A 45 3.64 23.41 16.64
C PRO A 45 4.81 22.94 17.52
N PHE A 46 4.77 23.32 18.81
CA PHE A 46 5.91 23.16 19.74
C PHE A 46 5.75 21.90 20.61
N TYR A 47 4.65 21.15 20.42
CA TYR A 47 4.39 19.93 21.19
C TYR A 47 5.47 18.89 20.92
N LYS A 48 5.56 18.45 19.65
CA LYS A 48 6.48 17.39 19.23
C LYS A 48 7.65 18.01 18.46
N PRO A 49 8.73 17.24 18.16
CA PRO A 49 9.87 17.77 17.41
C PRO A 49 9.52 18.20 15.98
N VAL A 50 10.37 19.07 15.40
CA VAL A 50 10.18 19.62 14.07
C VAL A 50 10.46 18.52 13.04
N ASP A 51 9.38 18.02 12.41
CA ASP A 51 9.47 17.00 11.37
C ASP A 51 9.97 17.65 10.08
N VAL A 52 11.28 17.54 9.85
CA VAL A 52 11.95 18.17 8.69
C VAL A 52 11.43 17.53 7.39
N GLU A 53 11.12 16.23 7.43
CA GLU A 53 10.62 15.49 6.27
C GLU A 53 9.24 16.03 5.87
N ALA A 54 8.31 16.05 6.84
CA ALA A 54 6.91 16.45 6.62
C ALA A 54 6.83 17.90 6.14
N LEU A 55 7.52 18.80 6.87
CA LEU A 55 7.52 20.24 6.58
C LEU A 55 8.43 20.55 5.39
N GLY A 56 9.34 19.62 5.06
CA GLY A 56 10.22 19.72 3.88
C GLY A 56 11.28 20.80 4.05
N LEU A 57 11.95 20.76 5.21
CA LEU A 57 12.93 21.78 5.61
C LEU A 57 14.34 21.16 5.58
N HIS A 58 14.93 21.10 4.37
CA HIS A 58 16.27 20.53 4.16
C HIS A 58 17.34 21.40 4.85
N ASP A 59 17.09 22.71 4.95
CA ASP A 59 18.06 23.68 5.47
C ASP A 59 18.05 23.71 7.01
N TYR A 60 16.95 23.23 7.62
CA TYR A 60 16.70 23.40 9.07
C TYR A 60 17.90 22.94 9.91
N CYS A 61 18.38 21.72 9.65
CA CYS A 61 19.41 21.06 10.47
C CYS A 61 20.73 21.85 10.43
N ASP A 62 20.99 22.54 9.32
CA ASP A 62 22.20 23.36 9.13
C ASP A 62 22.12 24.62 10.00
N ILE A 63 20.92 25.23 10.03
CA ILE A 63 20.69 26.52 10.73
C ILE A 63 20.62 26.26 12.24
N ILE A 64 19.67 25.39 12.65
CA ILE A 64 19.44 25.06 14.06
C ILE A 64 20.37 23.91 14.46
N LYS A 65 21.37 24.23 15.30
CA LYS A 65 22.38 23.27 15.74
C LYS A 65 21.81 22.36 16.83
N HIS A 66 20.97 22.93 17.71
CA HIS A 66 20.38 22.22 18.86
C HIS A 66 18.86 22.36 18.85
N PRO A 67 18.13 21.43 18.18
CA PRO A 67 16.66 21.44 18.20
C PRO A 67 16.07 21.21 19.61
N MET A 68 14.79 21.55 19.78
CA MET A 68 14.08 21.37 21.06
C MET A 68 12.57 21.48 20.84
N ASP A 69 11.80 20.80 21.70
CA ASP A 69 10.33 20.83 21.71
C ASP A 69 9.83 20.54 23.13
N MET A 70 8.52 20.67 23.34
CA MET A 70 7.89 20.53 24.66
C MET A 70 7.90 19.05 25.10
N SER A 71 7.71 18.14 24.13
CA SER A 71 7.70 16.69 24.40
C SER A 71 9.09 16.23 24.90
N THR A 72 10.16 16.83 24.34
CA THR A 72 11.53 16.55 24.75
C THR A 72 11.73 17.01 26.20
N ILE A 73 11.33 18.26 26.49
CA ILE A 73 11.47 18.87 27.82
C ILE A 73 10.72 18.03 28.86
N LYS A 74 9.51 17.55 28.48
CA LYS A 74 8.65 16.73 29.34
C LYS A 74 9.41 15.48 29.79
N SER A 75 10.12 14.84 28.85
CA SER A 75 10.88 13.60 29.10
C SER A 75 12.00 13.86 30.11
N LYS A 76 12.67 15.02 29.95
CA LYS A 76 13.85 15.39 30.76
C LYS A 76 13.44 15.67 32.22
N LEU A 77 12.26 16.28 32.40
CA LEU A 77 11.70 16.55 33.73
C LEU A 77 11.45 15.22 34.47
N GLU A 78 10.83 14.27 33.76
CA GLU A 78 10.47 12.97 34.33
C GLU A 78 11.72 12.11 34.57
N ALA A 79 12.78 12.34 33.78
CA ALA A 79 14.04 11.59 33.86
C ALA A 79 15.05 12.28 34.80
N ARG A 80 14.65 13.40 35.41
CA ARG A 80 15.46 14.17 36.39
C ARG A 80 16.80 14.58 35.75
N GLU A 81 16.72 15.12 34.52
CA GLU A 81 17.91 15.48 33.72
C GLU A 81 18.28 16.95 33.91
N TYR A 82 17.35 17.76 34.47
CA TYR A 82 17.59 19.17 34.79
C TYR A 82 18.14 19.28 36.22
N ARG A 83 19.35 19.87 36.34
CA ARG A 83 20.01 20.07 37.63
C ARG A 83 19.16 21.00 38.51
N ASP A 84 18.61 22.05 37.90
CA ASP A 84 17.77 23.04 38.59
C ASP A 84 16.72 23.60 37.60
N ALA A 85 15.89 24.53 38.10
CA ALA A 85 14.80 25.15 37.32
C ALA A 85 15.36 26.11 36.27
N GLN A 86 16.61 26.56 36.46
CA GLN A 86 17.26 27.52 35.54
C GLN A 86 17.57 26.81 34.21
N GLU A 87 18.00 25.54 34.28
CA GLU A 87 18.32 24.73 33.10
C GLU A 87 17.04 24.41 32.31
N PHE A 88 15.92 24.23 33.02
CA PHE A 88 14.60 23.98 32.41
C PHE A 88 14.22 25.15 31.48
N GLY A 89 14.41 26.37 31.98
CA GLY A 89 14.10 27.60 31.25
C GLY A 89 14.88 27.70 29.94
N ALA A 90 16.19 27.43 30.02
CA ALA A 90 17.11 27.50 28.88
C ALA A 90 16.56 26.73 27.68
N ASP A 91 16.02 25.53 27.94
CA ASP A 91 15.47 24.64 26.89
C ASP A 91 14.15 25.22 26.35
N VAL A 92 13.30 25.75 27.23
CA VAL A 92 12.03 26.36 26.83
C VAL A 92 12.33 27.59 25.96
N ARG A 93 13.36 28.35 26.34
CA ARG A 93 13.77 29.55 25.61
C ARG A 93 14.46 29.14 24.29
N LEU A 94 15.27 28.08 24.33
CA LEU A 94 15.94 27.51 23.14
C LEU A 94 14.89 27.14 22.08
N MET A 95 13.76 26.58 22.54
CA MET A 95 12.66 26.15 21.69
C MET A 95 12.15 27.33 20.85
N PHE A 96 11.86 28.45 21.53
CA PHE A 96 11.36 29.68 20.88
C PHE A 96 12.49 30.36 20.09
N SER A 97 13.69 30.38 20.68
CA SER A 97 14.89 30.96 20.05
C SER A 97 15.10 30.37 18.65
N ASN A 98 15.01 29.03 18.55
CA ASN A 98 15.16 28.30 17.29
C ASN A 98 14.09 28.76 16.29
N CYS A 99 12.84 28.86 16.76
CA CYS A 99 11.69 29.26 15.94
C CYS A 99 11.89 30.68 15.40
N TYR A 100 12.37 31.58 16.25
CA TYR A 100 12.65 32.98 15.87
C TYR A 100 13.81 33.04 14.87
N LYS A 101 14.86 32.24 15.14
CA LYS A 101 16.08 32.21 14.34
C LYS A 101 15.76 31.80 12.90
N TYR A 102 14.99 30.73 12.74
CA TYR A 102 14.72 30.11 11.43
C TYR A 102 13.77 31.00 10.61
N ASN A 103 12.63 31.37 11.21
CA ASN A 103 11.51 32.01 10.49
C ASN A 103 11.71 33.51 10.40
N PRO A 104 11.05 34.20 9.43
CA PRO A 104 11.04 35.66 9.39
C PRO A 104 10.12 36.27 10.45
N PRO A 105 10.19 37.60 10.69
CA PRO A 105 9.42 38.23 11.77
C PRO A 105 7.89 38.08 11.61
N ASP A 106 7.40 38.18 10.37
CA ASP A 106 5.97 38.27 10.06
C ASP A 106 5.36 36.87 9.88
N HIS A 107 6.14 35.81 10.15
CA HIS A 107 5.68 34.41 10.01
C HIS A 107 4.64 34.10 11.11
N GLU A 108 3.79 33.12 10.83
CA GLU A 108 2.65 32.76 11.70
C GLU A 108 3.15 32.02 12.94
N VAL A 109 4.08 31.08 12.73
CA VAL A 109 4.66 30.25 13.81
C VAL A 109 5.37 31.16 14.83
N VAL A 110 5.96 32.27 14.34
CA VAL A 110 6.65 33.24 15.19
C VAL A 110 5.61 33.95 16.09
N ALA A 111 4.50 34.37 15.48
CA ALA A 111 3.40 35.05 16.19
C ALA A 111 2.87 34.15 17.33
N MET A 112 2.75 32.86 17.04
CA MET A 112 2.29 31.85 18.00
C MET A 112 3.38 31.60 19.05
N ALA A 113 4.65 31.55 18.60
CA ALA A 113 5.81 31.37 19.48
C ALA A 113 5.80 32.44 20.58
N ARG A 114 5.57 33.70 20.16
CA ARG A 114 5.54 34.85 21.07
C ARG A 114 4.35 34.71 22.05
N LYS A 115 3.19 34.31 21.52
CA LYS A 115 1.96 34.15 22.33
C LYS A 115 2.21 33.15 23.46
N LEU A 116 2.81 32.00 23.13
CA LEU A 116 3.06 30.92 24.10
C LEU A 116 4.17 31.33 25.07
N GLN A 117 5.22 31.98 24.54
CA GLN A 117 6.39 32.41 25.34
C GLN A 117 5.93 33.39 26.44
N ASP A 118 5.08 34.34 26.07
CA ASP A 118 4.58 35.39 26.97
C ASP A 118 3.81 34.76 28.15
N VAL A 119 3.19 33.59 27.91
CA VAL A 119 2.54 32.80 28.97
C VAL A 119 3.63 32.21 29.88
N PHE A 120 4.58 31.49 29.27
CA PHE A 120 5.69 30.84 30.00
C PHE A 120 6.41 31.86 30.90
N GLU A 121 6.81 32.99 30.31
CA GLU A 121 7.58 34.04 30.98
C GLU A 121 6.82 34.54 32.23
N MET A 122 5.49 34.67 32.10
CA MET A 122 4.62 35.13 33.18
C MET A 122 4.67 34.16 34.36
N ARG A 123 4.64 32.85 34.07
CA ARG A 123 4.59 31.80 35.11
C ARG A 123 5.98 31.57 35.69
N PHE A 124 6.99 31.51 34.81
CA PHE A 124 8.39 31.27 35.21
C PHE A 124 8.89 32.42 36.11
N ALA A 125 8.39 33.63 35.85
CA ALA A 125 8.72 34.83 36.65
C ALA A 125 8.06 34.74 38.04
N LYS A 126 6.81 34.27 38.08
CA LYS A 126 5.99 34.26 39.32
C LYS A 126 6.11 32.89 40.03
N MET A 127 7.21 32.16 39.81
CA MET A 127 7.50 30.93 40.51
C MET A 127 8.04 31.27 41.90
N PRO A 128 7.57 30.61 42.99
CA PRO A 128 8.07 30.88 44.33
C PRO A 128 9.49 30.34 44.58
N ASP A 129 10.18 30.92 45.55
CA ASP A 129 11.55 30.50 45.93
C ASP A 129 11.86 31.01 47.34
N MET B 1 -3.88 -17.79 -4.22
CA MET B 1 -4.50 -16.80 -5.16
C MET B 1 -5.00 -17.51 -6.43
N ASP B 2 -5.70 -16.76 -7.29
CA ASP B 2 -6.28 -17.28 -8.52
C ASP B 2 -5.25 -17.17 -9.65
N VAL B 3 -5.25 -18.17 -10.54
CA VAL B 3 -4.42 -18.17 -11.76
C VAL B 3 -5.33 -17.97 -12.97
N PHE B 4 -4.83 -17.23 -13.97
CA PHE B 4 -5.57 -16.90 -15.18
C PHE B 4 -4.85 -17.55 -16.38
N LEU B 5 -5.63 -18.26 -17.21
CA LEU B 5 -5.09 -19.22 -18.16
C LEU B 5 -5.59 -18.92 -19.58
N MET B 6 -4.85 -19.45 -20.56
CA MET B 6 -5.26 -19.51 -21.96
C MET B 6 -5.18 -20.98 -22.41
N ILE B 7 -6.32 -21.67 -22.40
CA ILE B 7 -6.42 -23.07 -22.81
C ILE B 7 -6.60 -23.09 -24.34
N ARG B 8 -5.56 -23.55 -25.07
CA ARG B 8 -5.46 -23.39 -26.52
C ARG B 8 -5.29 -24.75 -27.21
N ARG B 9 -6.10 -24.97 -28.25
CA ARG B 9 -5.94 -26.09 -29.20
C ARG B 9 -6.17 -25.55 -30.62
N HIS B 10 -5.28 -25.94 -31.54
CA HIS B 10 -5.35 -25.52 -32.95
C HIS B 10 -5.46 -23.98 -33.03
N LYS B 11 -6.66 -23.47 -33.35
CA LYS B 11 -6.90 -22.01 -33.47
C LYS B 11 -7.91 -21.56 -32.39
N THR B 12 -8.27 -22.45 -31.47
CA THR B 12 -9.17 -22.16 -30.36
C THR B 12 -8.36 -21.63 -29.18
N THR B 13 -9.01 -20.80 -28.34
CA THR B 13 -8.39 -20.20 -27.15
C THR B 13 -9.48 -19.85 -26.13
N ILE B 14 -9.42 -20.51 -24.96
CA ILE B 14 -10.37 -20.27 -23.86
C ILE B 14 -9.68 -19.45 -22.77
N PHE B 15 -10.20 -18.25 -22.52
CA PHE B 15 -9.81 -17.42 -21.37
C PHE B 15 -10.71 -17.78 -20.19
N THR B 16 -10.10 -18.36 -19.14
CA THR B 16 -10.81 -18.79 -17.95
C THR B 16 -9.89 -18.73 -16.74
N ASP B 17 -10.47 -18.37 -15.59
CA ASP B 17 -9.76 -18.24 -14.32
C ASP B 17 -9.92 -19.54 -13.52
N ALA B 18 -8.93 -19.82 -12.66
CA ALA B 18 -8.93 -20.98 -11.76
C ALA B 18 -8.19 -20.61 -10.48
N LYS B 19 -7.99 -21.60 -9.61
CA LYS B 19 -7.20 -21.44 -8.39
C LYS B 19 -5.93 -22.29 -8.50
N GLU B 20 -4.94 -21.99 -7.67
CA GLU B 20 -3.72 -22.80 -7.54
C GLU B 20 -4.08 -24.17 -6.93
N SER B 21 -5.08 -24.18 -6.05
CA SER B 21 -5.53 -25.37 -5.33
C SER B 21 -6.24 -26.35 -6.28
N SER B 22 -6.95 -25.82 -7.29
CA SER B 22 -7.75 -26.63 -8.22
C SER B 22 -6.84 -27.58 -9.02
N THR B 23 -7.43 -28.70 -9.48
CA THR B 23 -6.72 -29.78 -10.15
C THR B 23 -6.86 -29.65 -11.67
N VAL B 24 -6.05 -30.44 -12.38
CA VAL B 24 -6.06 -30.51 -13.84
C VAL B 24 -7.38 -31.14 -14.31
N PHE B 25 -7.87 -32.12 -13.55
CA PHE B 25 -9.15 -32.79 -13.84
C PHE B 25 -10.30 -31.80 -13.72
N GLU B 26 -10.25 -30.94 -12.69
CA GLU B 26 -11.25 -29.90 -12.47
C GLU B 26 -11.20 -28.87 -13.61
N LEU B 27 -9.99 -28.64 -14.16
CA LEU B 27 -9.78 -27.75 -15.31
C LEU B 27 -10.38 -28.37 -16.58
N LYS B 28 -10.28 -29.70 -16.70
CA LYS B 28 -10.83 -30.44 -17.85
C LYS B 28 -12.36 -30.42 -17.83
N ARG B 29 -12.95 -30.27 -16.63
CA ARG B 29 -14.41 -30.13 -16.46
C ARG B 29 -14.88 -28.78 -17.03
N ILE B 30 -14.00 -27.78 -16.99
CA ILE B 30 -14.28 -26.45 -17.59
C ILE B 30 -14.28 -26.58 -19.11
N VAL B 31 -13.30 -27.35 -19.63
CA VAL B 31 -13.15 -27.60 -21.06
C VAL B 31 -14.36 -28.40 -21.57
N GLU B 32 -14.83 -29.35 -20.75
CA GLU B 32 -16.00 -30.20 -21.08
C GLU B 32 -17.26 -29.35 -21.17
N GLY B 33 -17.43 -28.45 -20.19
CA GLY B 33 -18.59 -27.55 -20.12
C GLY B 33 -18.72 -26.63 -21.32
N ILE B 34 -17.58 -26.32 -21.94
CA ILE B 34 -17.50 -25.41 -23.09
C ILE B 34 -17.51 -26.21 -24.39
N LEU B 35 -16.54 -27.14 -24.54
CA LEU B 35 -16.26 -27.79 -25.84
C LEU B 35 -16.87 -29.21 -25.91
N LYS B 36 -17.72 -29.57 -24.93
CA LYS B 36 -18.54 -30.82 -24.96
C LYS B 36 -17.66 -32.08 -24.94
N ARG B 37 -16.37 -31.92 -24.58
CA ARG B 37 -15.38 -33.01 -24.65
C ARG B 37 -15.06 -33.50 -23.24
N PRO B 38 -15.26 -34.82 -22.94
CA PRO B 38 -15.05 -35.33 -21.59
C PRO B 38 -13.57 -35.46 -21.22
N PRO B 39 -13.20 -35.40 -19.92
CA PRO B 39 -11.79 -35.43 -19.47
C PRO B 39 -10.93 -36.59 -20.03
N ASP B 40 -11.54 -37.76 -20.23
CA ASP B 40 -10.85 -38.96 -20.72
C ASP B 40 -10.38 -38.74 -22.17
N GLU B 41 -11.06 -37.83 -22.90
CA GLU B 41 -10.71 -37.49 -24.29
C GLU B 41 -9.93 -36.16 -24.34
N GLN B 42 -9.19 -35.84 -23.26
CA GLN B 42 -8.44 -34.58 -23.16
C GLN B 42 -7.00 -34.86 -22.73
N ARG B 43 -6.07 -34.05 -23.25
CA ARG B 43 -4.67 -34.03 -22.85
C ARG B 43 -4.24 -32.56 -22.68
N LEU B 44 -4.03 -32.14 -21.42
CA LEU B 44 -3.59 -30.78 -21.09
C LEU B 44 -2.08 -30.78 -20.84
N TYR B 45 -1.40 -29.80 -21.46
CA TYR B 45 0.06 -29.67 -21.42
C TYR B 45 0.47 -28.33 -20.80
N LYS B 46 1.70 -28.28 -20.29
CA LYS B 46 2.41 -27.06 -19.90
C LYS B 46 3.68 -26.96 -20.74
N ASP B 47 3.63 -26.13 -21.80
CA ASP B 47 4.67 -26.07 -22.84
C ASP B 47 4.68 -27.42 -23.58
N ASP B 48 5.67 -28.28 -23.26
CA ASP B 48 5.78 -29.65 -23.83
C ASP B 48 5.37 -30.70 -22.78
N GLN B 49 5.45 -30.32 -21.49
CA GLN B 49 5.23 -31.23 -20.36
C GLN B 49 3.74 -31.58 -20.25
N LEU B 50 3.44 -32.88 -20.24
CA LEU B 50 2.08 -33.39 -20.03
C LEU B 50 1.75 -33.30 -18.53
N LEU B 51 0.47 -33.04 -18.23
CA LEU B 51 0.00 -32.79 -16.85
C LEU B 51 -0.89 -33.96 -16.39
N ASP B 52 -0.78 -34.30 -15.11
CA ASP B 52 -1.55 -35.38 -14.47
C ASP B 52 -2.86 -34.81 -13.93
N ASP B 53 -3.91 -35.65 -13.91
CA ASP B 53 -5.27 -35.26 -13.53
C ASP B 53 -5.34 -34.97 -12.01
N GLY B 54 -4.53 -35.71 -11.23
CA GLY B 54 -4.56 -35.64 -9.77
C GLY B 54 -3.83 -34.41 -9.22
N LYS B 55 -2.76 -33.99 -9.92
CA LYS B 55 -1.89 -32.88 -9.48
C LYS B 55 -2.62 -31.54 -9.70
N THR B 56 -2.34 -30.57 -8.80
CA THR B 56 -2.96 -29.25 -8.83
C THR B 56 -2.22 -28.36 -9.84
N LEU B 57 -2.83 -27.21 -10.15
CA LEU B 57 -2.26 -26.24 -11.10
C LEU B 57 -1.02 -25.57 -10.47
N GLY B 58 -1.07 -25.35 -9.16
CA GLY B 58 0.07 -24.86 -8.39
C GLY B 58 1.24 -25.83 -8.43
N GLU B 59 0.94 -27.13 -8.29
CA GLU B 59 1.94 -28.21 -8.34
C GLU B 59 2.53 -28.34 -9.76
N CYS B 60 1.70 -28.05 -10.78
CA CYS B 60 2.12 -28.12 -12.19
C CYS B 60 3.13 -27.02 -12.52
N GLY B 61 3.01 -25.86 -11.84
CA GLY B 61 3.92 -24.72 -12.03
C GLY B 61 3.19 -23.40 -12.17
N PHE B 62 1.90 -23.46 -12.54
CA PHE B 62 1.07 -22.27 -12.73
C PHE B 62 0.88 -21.55 -11.39
N THR B 63 1.67 -20.49 -11.17
CA THR B 63 1.52 -19.61 -9.99
C THR B 63 0.74 -18.36 -10.39
N SER B 64 0.06 -17.76 -9.41
CA SER B 64 -0.74 -16.56 -9.61
C SER B 64 0.15 -15.36 -9.94
N GLN B 65 1.39 -15.37 -9.44
CA GLN B 65 2.38 -14.33 -9.72
C GLN B 65 2.71 -14.31 -11.21
N THR B 66 3.02 -15.49 -11.77
CA THR B 66 3.42 -15.63 -13.18
C THR B 66 2.20 -15.49 -14.09
N ALA B 67 1.16 -16.29 -13.83
CA ALA B 67 -0.08 -16.31 -14.62
C ALA B 67 -1.07 -15.28 -14.04
N ARG B 68 -1.09 -14.08 -14.66
CA ARG B 68 -1.89 -12.94 -14.20
C ARG B 68 -3.04 -12.68 -15.18
N PRO B 69 -4.06 -11.87 -14.82
CA PRO B 69 -5.15 -11.52 -15.73
C PRO B 69 -4.68 -10.91 -17.06
N GLN B 70 -3.78 -9.92 -16.98
CA GLN B 70 -3.27 -9.17 -18.14
C GLN B 70 -2.26 -10.03 -18.93
N ALA B 71 -1.58 -10.95 -18.24
CA ALA B 71 -0.56 -11.84 -18.84
C ALA B 71 -0.82 -13.28 -18.43
N PRO B 72 -1.89 -13.92 -18.94
CA PRO B 72 -2.24 -15.29 -18.56
C PRO B 72 -1.33 -16.35 -19.21
N ALA B 73 -1.00 -17.40 -18.44
CA ALA B 73 -0.15 -18.50 -18.89
C ALA B 73 -0.97 -19.42 -19.81
N THR B 74 -0.31 -19.92 -20.87
CA THR B 74 -0.94 -20.76 -21.88
C THR B 74 -0.97 -22.22 -21.39
N VAL B 75 -2.03 -22.94 -21.77
CA VAL B 75 -2.22 -24.36 -21.43
C VAL B 75 -2.58 -25.11 -22.72
N GLY B 76 -1.69 -26.01 -23.15
CA GLY B 76 -1.90 -26.80 -24.35
C GLY B 76 -3.06 -27.77 -24.19
N LEU B 77 -3.73 -28.07 -25.31
CA LEU B 77 -4.88 -28.98 -25.33
C LEU B 77 -4.83 -29.83 -26.62
N ALA B 78 -5.14 -31.13 -26.47
CA ALA B 78 -5.18 -32.08 -27.57
C ALA B 78 -6.27 -33.14 -27.28
N PHE B 79 -7.18 -33.32 -28.24
CA PHE B 79 -8.32 -34.25 -28.09
C PHE B 79 -7.97 -35.62 -28.66
N ARG B 80 -8.86 -36.59 -28.40
CA ARG B 80 -8.74 -37.96 -28.90
C ARG B 80 -9.66 -38.14 -30.12
N ALA B 81 -9.22 -38.98 -31.07
CA ALA B 81 -9.96 -39.28 -32.29
C ALA B 81 -9.52 -40.65 -32.82
N ASP B 82 -10.51 -41.53 -33.06
CA ASP B 82 -10.29 -42.93 -33.48
C ASP B 82 -9.55 -43.70 -32.38
N ASP B 83 -9.85 -43.36 -31.11
CA ASP B 83 -9.30 -44.03 -29.92
C ASP B 83 -7.77 -43.83 -29.86
N THR B 84 -7.30 -42.67 -30.32
CA THR B 84 -5.87 -42.30 -30.28
C THR B 84 -5.74 -40.77 -30.16
N PHE B 85 -4.83 -40.33 -29.28
CA PHE B 85 -4.64 -38.89 -29.00
C PHE B 85 -3.75 -38.26 -30.07
N GLU B 86 -4.16 -37.06 -30.53
CA GLU B 86 -3.38 -36.25 -31.46
C GLU B 86 -2.19 -35.66 -30.71
N ALA B 87 -1.10 -35.39 -31.45
CA ALA B 87 0.03 -34.63 -30.93
C ALA B 87 -0.39 -33.18 -30.74
N LEU B 88 0.11 -32.55 -29.67
CA LEU B 88 -0.25 -31.19 -29.30
C LEU B 88 0.04 -30.25 -30.48
N CYS B 89 -0.98 -29.47 -30.87
CA CYS B 89 -0.86 -28.50 -31.96
C CYS B 89 -1.59 -27.21 -31.57
N ILE B 90 -0.83 -26.10 -31.52
CA ILE B 90 -1.36 -24.76 -31.28
C ILE B 90 -0.83 -23.84 -32.39
N GLU B 91 -1.74 -23.33 -33.22
CA GLU B 91 -1.42 -22.34 -34.24
C GLU B 91 -1.11 -21.01 -33.56
N PRO B 92 0.02 -20.34 -33.88
CA PRO B 92 0.35 -19.05 -33.26
C PRO B 92 -0.53 -17.92 -33.82
N PHE B 93 -0.59 -16.81 -33.08
CA PHE B 93 -1.33 -15.62 -33.50
C PHE B 93 -0.56 -14.93 -34.64
N SER B 94 -1.23 -13.96 -35.28
CA SER B 94 -0.66 -13.17 -36.37
C SER B 94 0.41 -12.21 -35.82
N SER B 95 1.33 -11.81 -36.70
CA SER B 95 2.48 -10.97 -36.35
C SER B 95 2.07 -9.49 -36.38
N PRO B 96 2.45 -8.68 -35.37
CA PRO B 96 2.30 -7.23 -35.46
C PRO B 96 3.27 -6.65 -36.50
N PRO B 97 2.93 -5.51 -37.15
CA PRO B 97 3.85 -4.89 -38.10
C PRO B 97 5.07 -4.31 -37.37
N GLU B 98 6.22 -4.27 -38.06
CA GLU B 98 7.49 -3.80 -37.48
C GLU B 98 7.31 -2.33 -37.04
N LEU B 99 8.00 -1.96 -35.96
CA LEU B 99 7.82 -0.66 -35.28
C LEU B 99 8.09 0.47 -36.27
N PRO B 100 7.09 1.35 -36.57
CA PRO B 100 7.32 2.52 -37.43
C PRO B 100 8.42 3.45 -36.90
N ASP B 101 8.96 4.29 -37.80
CA ASP B 101 10.11 5.17 -37.53
C ASP B 101 9.75 6.20 -36.44
N VAL B 102 8.50 6.66 -36.44
CA VAL B 102 8.02 7.69 -35.50
C VAL B 102 7.99 7.13 -34.06
N MET B 103 7.71 5.82 -33.94
CA MET B 103 7.57 5.16 -32.64
C MET B 103 8.95 4.76 -32.08
N LYS B 104 9.96 4.65 -32.96
CA LYS B 104 11.34 4.37 -32.55
C LYS B 104 11.91 5.56 -31.78
N MET C 1 -20.70 -19.73 -15.91
CA MET C 1 -21.15 -18.49 -16.59
C MET C 1 -21.38 -18.76 -18.09
N MET C 2 -22.16 -17.90 -18.74
CA MET C 2 -22.36 -17.92 -20.19
C MET C 2 -21.06 -17.51 -20.89
N TYR C 3 -20.67 -18.26 -21.92
CA TYR C 3 -19.48 -17.98 -22.72
C TYR C 3 -19.92 -17.49 -24.10
N VAL C 4 -19.02 -16.76 -24.78
CA VAL C 4 -19.25 -16.23 -26.13
C VAL C 4 -17.97 -16.38 -26.95
N LYS C 5 -18.13 -16.64 -28.25
CA LYS C 5 -17.03 -16.88 -29.17
C LYS C 5 -16.74 -15.60 -29.95
N LEU C 6 -15.50 -15.10 -29.82
CA LEU C 6 -15.00 -13.94 -30.56
C LEU C 6 -13.98 -14.41 -31.59
N ILE C 7 -14.35 -14.31 -32.88
CA ILE C 7 -13.50 -14.77 -33.99
C ILE C 7 -12.76 -13.56 -34.59
N SER C 8 -11.47 -13.76 -34.86
CA SER C 8 -10.62 -12.73 -35.47
C SER C 8 -10.74 -12.81 -37.00
N SER C 9 -10.06 -11.88 -37.69
CA SER C 9 -10.04 -11.82 -39.14
C SER C 9 -9.31 -13.04 -39.73
N ASP C 10 -8.26 -13.50 -39.03
CA ASP C 10 -7.38 -14.59 -39.50
C ASP C 10 -7.86 -15.96 -38.99
N GLY C 11 -9.08 -15.99 -38.43
CA GLY C 11 -9.74 -17.25 -38.07
C GLY C 11 -9.16 -17.88 -36.81
N HIS C 12 -9.13 -17.09 -35.72
CA HIS C 12 -8.75 -17.56 -34.39
C HIS C 12 -9.92 -17.33 -33.43
N GLU C 13 -10.50 -18.44 -32.95
CA GLU C 13 -11.67 -18.40 -32.07
C GLU C 13 -11.22 -18.17 -30.63
N PHE C 14 -11.88 -17.23 -29.95
CA PHE C 14 -11.59 -16.85 -28.57
C PHE C 14 -12.87 -16.95 -27.73
N ILE C 15 -12.90 -17.95 -26.84
CA ILE C 15 -14.04 -18.22 -25.98
C ILE C 15 -13.81 -17.53 -24.62
N VAL C 16 -14.53 -16.42 -24.39
CA VAL C 16 -14.50 -15.67 -23.13
C VAL C 16 -15.91 -15.69 -22.52
N LYS C 17 -15.99 -15.34 -21.23
CA LYS C 17 -17.27 -15.24 -20.53
C LYS C 17 -18.05 -14.05 -21.09
N ARG C 18 -19.39 -14.15 -21.03
CA ARG C 18 -20.29 -13.15 -21.61
C ARG C 18 -20.15 -11.83 -20.83
N GLU C 19 -20.02 -11.94 -19.49
CA GLU C 19 -19.84 -10.78 -18.59
C GLU C 19 -18.57 -10.00 -18.97
N HIS C 20 -17.50 -10.75 -19.28
CA HIS C 20 -16.19 -10.17 -19.64
C HIS C 20 -16.28 -9.43 -20.99
N ALA C 21 -17.05 -9.99 -21.93
CA ALA C 21 -17.22 -9.43 -23.28
C ALA C 21 -18.08 -8.15 -23.23
N LEU C 22 -19.00 -8.07 -22.26
CA LEU C 22 -19.95 -6.93 -22.15
C LEU C 22 -19.23 -5.66 -21.68
N THR C 23 -17.96 -5.79 -21.26
CA THR C 23 -17.06 -4.64 -21.02
C THR C 23 -17.02 -3.75 -22.28
N SER C 24 -17.00 -4.40 -23.46
CA SER C 24 -17.08 -3.74 -24.76
C SER C 24 -18.54 -3.35 -25.05
N GLY C 25 -18.76 -2.05 -25.32
CA GLY C 25 -20.08 -1.51 -25.63
C GLY C 25 -20.56 -1.91 -27.02
N THR C 26 -19.61 -2.11 -27.94
CA THR C 26 -19.88 -2.56 -29.31
C THR C 26 -20.49 -3.97 -29.27
N ILE C 27 -19.85 -4.86 -28.50
CA ILE C 27 -20.27 -6.26 -28.37
C ILE C 27 -21.62 -6.33 -27.64
N LYS C 28 -21.80 -5.47 -26.62
CA LYS C 28 -23.06 -5.32 -25.89
C LYS C 28 -24.22 -5.11 -26.87
N ALA C 29 -24.01 -4.19 -27.83
CA ALA C 29 -25.01 -3.81 -28.84
C ALA C 29 -25.21 -4.94 -29.86
N MET C 30 -24.09 -5.56 -30.27
CA MET C 30 -24.08 -6.62 -31.31
C MET C 30 -24.97 -7.81 -30.89
N LEU C 31 -24.88 -8.20 -29.62
CA LEU C 31 -25.64 -9.35 -29.09
C LEU C 31 -27.13 -9.02 -29.00
N SER C 32 -27.48 -8.05 -28.14
CA SER C 32 -28.86 -7.63 -27.91
C SER C 32 -29.29 -6.63 -28.97
N ASN C 43 -25.36 -14.60 -30.32
CA ASN C 43 -24.55 -15.30 -29.32
C ASN C 43 -23.09 -15.34 -29.79
N GLU C 44 -22.88 -15.85 -31.01
CA GLU C 44 -21.55 -15.95 -31.64
C GLU C 44 -21.28 -14.65 -32.43
N VAL C 45 -20.13 -14.02 -32.15
CA VAL C 45 -19.74 -12.73 -32.75
C VAL C 45 -18.49 -12.94 -33.61
N ASN C 46 -18.40 -12.18 -34.71
CA ASN C 46 -17.32 -12.28 -35.69
C ASN C 46 -16.82 -10.86 -36.03
N PHE C 47 -15.50 -10.75 -36.27
CA PHE C 47 -14.83 -9.47 -36.63
C PHE C 47 -13.98 -9.68 -37.88
N ARG C 48 -14.20 -8.80 -38.89
CA ARG C 48 -13.61 -8.96 -40.23
C ARG C 48 -12.23 -8.27 -40.31
N GLU C 49 -12.00 -7.28 -39.45
CA GLU C 49 -10.81 -6.41 -39.51
C GLU C 49 -9.74 -6.88 -38.51
N ILE C 50 -10.13 -7.04 -37.24
CA ILE C 50 -9.20 -7.25 -36.11
C ILE C 50 -8.41 -8.55 -36.33
N PRO C 51 -7.07 -8.55 -36.16
CA PRO C 51 -6.28 -9.79 -36.22
C PRO C 51 -6.32 -10.56 -34.89
N SER C 52 -5.62 -11.71 -34.85
CA SER C 52 -5.65 -12.62 -33.71
C SER C 52 -4.94 -12.01 -32.49
N HIS C 53 -3.69 -11.58 -32.70
CA HIS C 53 -2.81 -11.09 -31.61
C HIS C 53 -3.43 -9.86 -30.93
N VAL C 54 -4.15 -9.03 -31.70
CA VAL C 54 -4.85 -7.86 -31.17
C VAL C 54 -6.04 -8.33 -30.31
N LEU C 55 -6.90 -9.17 -30.90
CA LEU C 55 -8.14 -9.64 -30.24
C LEU C 55 -7.80 -10.43 -28.96
N SER C 56 -6.69 -11.17 -28.98
CA SER C 56 -6.21 -11.92 -27.81
C SER C 56 -5.86 -10.96 -26.66
N LYS C 57 -5.26 -9.81 -27.02
CA LYS C 57 -4.86 -8.79 -26.06
C LYS C 57 -6.09 -8.07 -25.49
N VAL C 58 -7.13 -7.93 -26.31
CA VAL C 58 -8.40 -7.31 -25.92
C VAL C 58 -9.07 -8.19 -24.84
N CYS C 59 -8.98 -9.51 -25.02
CA CYS C 59 -9.54 -10.48 -24.07
C CYS C 59 -8.79 -10.41 -22.73
N MET C 60 -7.46 -10.21 -22.80
CA MET C 60 -6.62 -10.09 -21.61
C MET C 60 -7.00 -8.83 -20.82
N TYR C 61 -7.46 -7.79 -21.52
CA TYR C 61 -7.95 -6.57 -20.87
C TYR C 61 -9.26 -6.86 -20.12
N PHE C 62 -10.19 -7.56 -20.78
CA PHE C 62 -11.48 -7.92 -20.17
C PHE C 62 -11.23 -8.63 -18.83
N THR C 63 -10.34 -9.62 -18.84
CA THR C 63 -9.93 -10.36 -17.64
C THR C 63 -9.39 -9.37 -16.59
N TYR C 64 -8.51 -8.47 -17.04
CA TYR C 64 -7.85 -7.45 -16.20
C TYR C 64 -8.88 -6.45 -15.64
N LYS C 65 -9.81 -6.03 -16.49
CA LYS C 65 -10.82 -5.02 -16.14
C LYS C 65 -11.78 -5.59 -15.08
N VAL C 66 -12.39 -6.74 -15.41
CA VAL C 66 -13.39 -7.41 -14.54
C VAL C 66 -12.78 -7.67 -13.16
N ARG C 67 -11.52 -8.14 -13.15
CA ARG C 67 -10.81 -8.51 -11.92
C ARG C 67 -10.60 -7.28 -11.03
N TYR C 68 -9.89 -6.28 -11.57
CA TYR C 68 -9.30 -5.20 -10.76
C TYR C 68 -10.27 -4.02 -10.59
N THR C 69 -11.48 -4.12 -11.14
CA THR C 69 -12.54 -3.11 -10.91
C THR C 69 -13.12 -3.30 -9.51
N ASN C 70 -13.29 -2.18 -8.79
CA ASN C 70 -13.80 -2.15 -7.40
C ASN C 70 -12.87 -2.96 -6.48
N SER C 71 -11.57 -2.96 -6.81
CA SER C 71 -10.57 -3.77 -6.11
C SER C 71 -9.80 -2.89 -5.12
N SER C 72 -9.77 -3.30 -3.85
CA SER C 72 -9.00 -2.64 -2.80
C SER C 72 -7.52 -3.07 -2.88
N THR C 73 -7.27 -4.20 -3.55
CA THR C 73 -5.91 -4.67 -3.86
C THR C 73 -5.33 -3.76 -4.96
N GLU C 74 -4.17 -3.15 -4.68
CA GLU C 74 -3.55 -2.17 -5.59
C GLU C 74 -3.42 -2.79 -6.99
N ILE C 75 -3.69 -1.97 -8.01
CA ILE C 75 -3.90 -2.42 -9.39
C ILE C 75 -2.58 -2.31 -10.15
N PRO C 76 -2.13 -3.38 -10.85
CA PRO C 76 -0.93 -3.30 -11.69
C PRO C 76 -1.21 -2.61 -13.03
N GLU C 77 -0.15 -2.14 -13.69
CA GLU C 77 -0.23 -1.45 -14.98
C GLU C 77 -0.56 -2.49 -16.06
N PHE C 78 -1.54 -2.15 -16.92
CA PHE C 78 -1.88 -3.00 -18.07
C PHE C 78 -0.83 -2.82 -19.15
N PRO C 79 -0.01 -3.85 -19.47
CA PRO C 79 1.10 -3.71 -20.41
C PRO C 79 0.63 -3.76 -21.88
N ILE C 80 1.20 -2.87 -22.70
CA ILE C 80 1.00 -2.85 -24.15
C ILE C 80 2.36 -2.62 -24.81
N ALA C 81 2.83 -3.63 -25.55
CA ALA C 81 4.11 -3.56 -26.26
C ALA C 81 4.01 -2.50 -27.37
N PRO C 82 5.14 -1.83 -27.73
CA PRO C 82 5.11 -0.74 -28.71
C PRO C 82 4.41 -1.07 -30.05
N GLU C 83 4.61 -2.29 -30.55
CA GLU C 83 4.23 -2.69 -31.90
C GLU C 83 2.71 -2.86 -32.00
N ILE C 84 2.13 -3.55 -31.00
CA ILE C 84 0.68 -3.87 -30.97
C ILE C 84 -0.14 -2.60 -30.63
N ALA C 85 0.52 -1.60 -30.02
CA ALA C 85 -0.12 -0.36 -29.52
C ALA C 85 -1.06 0.25 -30.57
N LEU C 86 -0.56 0.39 -31.80
CA LEU C 86 -1.27 1.11 -32.87
C LEU C 86 -2.57 0.38 -33.25
N GLU C 87 -2.46 -0.92 -33.48
CA GLU C 87 -3.61 -1.76 -33.86
C GLU C 87 -4.60 -1.83 -32.70
N LEU C 88 -4.08 -1.98 -31.47
CA LEU C 88 -4.88 -2.14 -30.26
C LEU C 88 -5.67 -0.84 -29.98
N LEU C 89 -5.05 0.31 -30.26
CA LEU C 89 -5.70 1.62 -30.11
C LEU C 89 -6.95 1.68 -30.99
N MET C 90 -6.79 1.30 -32.27
CA MET C 90 -7.89 1.30 -33.25
C MET C 90 -8.96 0.28 -32.81
N ALA C 91 -8.52 -0.92 -32.41
CA ALA C 91 -9.41 -1.98 -31.94
C ALA C 91 -10.24 -1.50 -30.74
N ALA C 92 -9.56 -0.84 -29.79
CA ALA C 92 -10.19 -0.30 -28.58
C ALA C 92 -11.25 0.75 -28.95
N ASN C 93 -10.89 1.62 -29.91
CA ASN C 93 -11.77 2.68 -30.41
C ASN C 93 -13.01 2.07 -31.06
N PHE C 94 -12.81 0.98 -31.81
CA PHE C 94 -13.88 0.27 -32.52
C PHE C 94 -14.82 -0.41 -31.52
N LEU C 95 -14.22 -1.03 -30.48
CA LEU C 95 -14.96 -1.89 -29.53
C LEU C 95 -15.57 -1.05 -28.38
N ASP C 96 -15.12 0.21 -28.25
CA ASP C 96 -15.69 1.18 -27.31
C ASP C 96 -15.49 0.67 -25.87
N CYS C 97 -14.24 0.74 -25.40
CA CYS C 97 -13.86 0.32 -24.05
C CYS C 97 -12.47 0.87 -23.70
N PRO D 10 -14.65 30.37 -5.59
CA PRO D 10 -14.56 29.08 -6.30
C PRO D 10 -14.96 27.88 -5.43
N VAL D 11 -15.31 26.76 -6.08
CA VAL D 11 -15.92 25.60 -5.40
C VAL D 11 -14.81 24.75 -4.77
N LEU D 12 -14.00 24.09 -5.62
CA LEU D 12 -12.94 23.18 -5.16
C LEU D 12 -11.69 23.99 -4.79
N ARG D 13 -11.47 24.14 -3.48
CA ARG D 13 -10.36 24.91 -2.93
C ARG D 13 -10.08 24.45 -1.50
N SER D 14 -8.82 24.63 -1.07
CA SER D 14 -8.41 24.36 0.32
C SER D 14 -8.94 25.48 1.23
N VAL D 15 -9.21 25.14 2.49
CA VAL D 15 -9.65 26.09 3.50
C VAL D 15 -8.42 26.48 4.34
N ASN D 16 -8.16 27.79 4.44
CA ASN D 16 -7.04 28.32 5.21
C ASN D 16 -7.37 28.20 6.71
N SER D 17 -7.34 26.96 7.21
CA SER D 17 -7.75 26.63 8.57
C SER D 17 -6.61 26.93 9.56
N ARG D 18 -5.37 26.65 9.12
CA ARG D 18 -4.16 26.75 9.96
C ARG D 18 -4.27 25.73 11.11
N GLU D 19 -4.96 24.61 10.84
CA GLU D 19 -5.16 23.52 11.79
C GLU D 19 -4.41 22.30 11.29
N PRO D 20 -3.44 21.75 12.07
CA PRO D 20 -2.52 20.74 11.55
C PRO D 20 -3.23 19.43 11.18
N SER D 21 -2.68 18.73 10.18
CA SER D 21 -3.15 17.42 9.78
C SER D 21 -2.00 16.64 9.12
N GLN D 22 -1.34 15.80 9.93
CA GLN D 22 -0.23 14.96 9.47
C GLN D 22 -0.78 13.90 8.52
N VAL D 23 -0.16 13.79 7.33
CA VAL D 23 -0.59 12.90 6.26
C VAL D 23 0.62 12.05 5.83
N ILE D 24 0.33 10.87 5.26
CA ILE D 24 1.34 10.01 4.66
C ILE D 24 0.93 9.73 3.21
N PHE D 25 1.61 10.38 2.26
CA PHE D 25 1.51 10.02 0.85
C PHE D 25 2.34 8.76 0.62
N CYS D 26 1.71 7.75 0.00
CA CYS D 26 2.37 6.49 -0.32
C CYS D 26 2.04 6.10 -1.77
N ASN D 27 3.03 6.26 -2.64
CA ASN D 27 2.91 5.89 -4.04
C ASN D 27 3.00 4.37 -4.17
N ARG D 28 1.82 3.72 -4.16
CA ARG D 28 1.69 2.30 -4.45
C ARG D 28 1.24 2.13 -5.90
N SER D 29 2.03 2.71 -6.81
CA SER D 29 1.77 2.68 -8.25
C SER D 29 3.12 2.71 -8.98
N PRO D 30 3.16 2.31 -10.28
CA PRO D 30 4.41 2.27 -11.03
C PRO D 30 4.85 3.64 -11.59
N ARG D 31 3.93 4.63 -11.55
CA ARG D 31 4.19 5.96 -12.06
C ARG D 31 5.04 6.75 -11.06
N VAL D 32 5.66 7.83 -11.53
CA VAL D 32 6.29 8.84 -10.67
C VAL D 32 5.23 9.89 -10.33
N VAL D 33 4.69 9.80 -9.12
CA VAL D 33 3.52 10.58 -8.70
C VAL D 33 3.91 12.05 -8.53
N LEU D 34 3.02 12.94 -8.96
CA LEU D 34 3.12 14.39 -8.79
C LEU D 34 2.00 14.86 -7.88
N PRO D 35 2.27 15.09 -6.57
CA PRO D 35 1.26 15.65 -5.67
C PRO D 35 0.88 17.08 -6.09
N VAL D 36 -0.43 17.33 -6.21
CA VAL D 36 -0.96 18.64 -6.60
C VAL D 36 -1.87 19.13 -5.46
N TRP D 37 -1.68 20.39 -5.06
CA TRP D 37 -2.44 21.02 -3.97
C TRP D 37 -3.22 22.21 -4.51
N LEU D 38 -4.55 22.18 -4.34
CA LEU D 38 -5.41 23.30 -4.71
C LEU D 38 -5.32 24.38 -3.62
N ASN D 39 -4.91 25.59 -4.01
CA ASN D 39 -4.67 26.68 -3.07
C ASN D 39 -6.02 27.27 -2.63
N PHE D 40 -5.97 28.35 -1.84
CA PHE D 40 -7.14 28.92 -1.16
C PHE D 40 -8.08 29.59 -2.19
N ASP D 41 -7.51 30.04 -3.32
CA ASP D 41 -8.30 30.56 -4.45
C ASP D 41 -8.85 29.40 -5.28
N GLY D 42 -8.06 28.31 -5.39
CA GLY D 42 -8.46 27.09 -6.13
C GLY D 42 -7.44 26.69 -7.19
N GLU D 43 -6.39 27.51 -7.36
CA GLU D 43 -5.33 27.28 -8.35
C GLU D 43 -4.43 26.14 -7.88
N PRO D 44 -4.17 25.11 -8.73
CA PRO D 44 -3.34 23.98 -8.34
C PRO D 44 -1.84 24.30 -8.28
N GLN D 45 -1.17 23.89 -7.19
CA GLN D 45 0.27 24.05 -6.99
C GLN D 45 0.93 22.68 -7.01
N PRO D 46 1.88 22.42 -7.94
CA PRO D 46 2.56 21.13 -8.00
C PRO D 46 3.70 21.02 -6.96
N TYR D 47 3.71 19.91 -6.21
CA TYR D 47 4.69 19.65 -5.15
C TYR D 47 5.74 18.67 -5.67
N PRO D 48 6.90 18.51 -4.97
CA PRO D 48 7.92 17.54 -5.38
C PRO D 48 7.34 16.13 -5.59
N THR D 49 7.87 15.42 -6.59
CA THR D 49 7.34 14.13 -7.03
C THR D 49 7.67 13.04 -6.00
N LEU D 50 6.95 11.91 -6.11
CA LEU D 50 7.21 10.69 -5.34
C LEU D 50 7.57 9.57 -6.31
N PRO D 51 8.78 8.96 -6.19
CA PRO D 51 9.13 7.80 -7.02
C PRO D 51 8.15 6.63 -6.85
N PRO D 52 8.17 5.62 -7.74
CA PRO D 52 7.29 4.45 -7.60
C PRO D 52 7.66 3.56 -6.41
N GLY D 53 6.64 3.14 -5.65
CA GLY D 53 6.81 2.24 -4.50
C GLY D 53 7.47 2.94 -3.31
N THR D 54 7.31 4.26 -3.23
CA THR D 54 7.88 5.08 -2.14
C THR D 54 6.77 5.89 -1.47
N GLY D 55 7.13 6.51 -0.34
CA GLY D 55 6.23 7.37 0.42
C GLY D 55 6.98 8.17 1.46
N ARG D 56 6.30 9.15 2.06
CA ARG D 56 6.88 10.02 3.07
C ARG D 56 5.77 10.71 3.85
N ARG D 57 6.13 11.26 5.01
CA ARG D 57 5.23 12.03 5.85
C ARG D 57 5.05 13.42 5.24
N ILE D 58 3.84 13.98 5.41
CA ILE D 58 3.46 15.28 4.87
C ILE D 58 2.72 16.05 5.97
N HIS D 59 3.05 17.34 6.13
CA HIS D 59 2.32 18.20 7.05
C HIS D 59 1.37 19.11 6.26
N SER D 60 0.16 18.60 6.00
CA SER D 60 -0.93 19.39 5.48
C SER D 60 -1.77 19.93 6.64
N TYR D 61 -2.90 20.57 6.32
CA TYR D 61 -3.80 21.16 7.30
C TYR D 61 -5.23 20.70 7.03
N ARG D 62 -6.13 20.91 8.01
CA ARG D 62 -7.51 20.45 7.96
C ARG D 62 -8.25 21.16 6.81
N GLY D 63 -8.95 20.37 5.99
CA GLY D 63 -9.77 20.87 4.89
C GLY D 63 -8.94 21.37 3.73
N HIS D 64 -7.87 20.63 3.39
CA HIS D 64 -6.98 20.95 2.27
C HIS D 64 -7.17 19.91 1.15
N LEU D 65 -7.54 20.39 -0.04
CA LEU D 65 -7.77 19.52 -1.21
C LEU D 65 -6.43 19.10 -1.82
N TRP D 66 -6.36 17.83 -2.23
CA TRP D 66 -5.22 17.27 -2.94
C TRP D 66 -5.72 16.46 -4.14
N LEU D 67 -4.80 16.21 -5.08
CA LEU D 67 -4.99 15.28 -6.17
C LEU D 67 -3.62 14.90 -6.70
N PHE D 68 -3.52 13.70 -7.29
CA PHE D 68 -2.23 13.11 -7.65
C PHE D 68 -2.26 12.67 -9.11
N ARG D 69 -1.15 12.95 -9.82
CA ARG D 69 -1.02 12.72 -11.26
C ARG D 69 0.34 12.05 -11.53
N ASP D 70 0.55 11.67 -12.79
CA ASP D 70 1.85 11.20 -13.27
C ASP D 70 2.70 12.43 -13.63
N ALA D 71 3.90 12.51 -13.04
CA ALA D 71 4.81 13.66 -13.21
C ALA D 71 5.12 13.89 -14.70
N GLY D 72 5.25 12.79 -15.46
CA GLY D 72 5.57 12.83 -16.88
C GLY D 72 4.36 13.18 -17.74
N THR D 73 3.36 12.28 -17.73
CA THR D 73 2.24 12.30 -18.69
C THR D 73 1.05 13.12 -18.17
N HIS D 74 1.04 13.41 -16.86
CA HIS D 74 -0.08 14.09 -16.16
C HIS D 74 -1.37 13.27 -16.28
N ASP D 75 -1.22 11.93 -16.26
CA ASP D 75 -2.35 11.00 -16.19
C ASP D 75 -2.95 11.06 -14.79
N GLY D 76 -4.28 10.92 -14.71
CA GLY D 76 -5.01 10.93 -13.45
C GLY D 76 -4.81 9.64 -12.68
N LEU D 77 -4.56 9.76 -11.36
CA LEU D 77 -4.41 8.62 -10.46
C LEU D 77 -5.49 8.69 -9.37
N LEU D 78 -5.57 7.63 -8.55
CA LEU D 78 -6.55 7.54 -7.46
C LEU D 78 -5.81 7.59 -6.12
N VAL D 79 -6.50 8.12 -5.10
CA VAL D 79 -6.01 8.20 -3.73
C VAL D 79 -7.16 7.78 -2.79
N ASN D 80 -7.06 6.57 -2.25
CA ASN D 80 -8.09 5.96 -1.40
C ASN D 80 -9.36 5.73 -2.23
N GLN D 81 -9.17 5.13 -3.41
CA GLN D 81 -10.26 4.77 -4.35
C GLN D 81 -11.11 6.01 -4.68
N THR D 82 -10.45 7.16 -4.85
CA THR D 82 -11.12 8.41 -5.22
C THR D 82 -10.10 9.39 -5.80
N GLU D 83 -10.60 10.44 -6.45
CA GLU D 83 -9.78 11.40 -7.20
C GLU D 83 -9.23 12.48 -6.26
N LEU D 84 -10.10 13.06 -5.43
CA LEU D 84 -9.71 14.12 -4.49
C LEU D 84 -9.45 13.53 -3.10
N PHE D 85 -8.45 14.09 -2.41
CA PHE D 85 -8.09 13.70 -1.04
C PHE D 85 -8.20 14.94 -0.13
N VAL D 86 -8.88 14.76 1.01
CA VAL D 86 -9.07 15.81 2.01
C VAL D 86 -8.78 15.22 3.39
N PRO D 87 -7.68 15.63 4.07
CA PRO D 87 -7.37 15.14 5.41
C PRO D 87 -8.44 15.51 6.45
N SER D 88 -8.76 14.55 7.32
CA SER D 88 -9.55 14.81 8.53
C SER D 88 -8.66 15.51 9.56
N LEU D 89 -9.14 15.60 10.81
CA LEU D 89 -8.29 15.93 11.96
C LEU D 89 -7.77 14.62 12.56
N ASN D 90 -6.54 14.67 13.07
CA ASN D 90 -5.85 13.49 13.59
C ASN D 90 -6.53 13.01 14.88
N VAL D 91 -6.69 11.69 15.00
CA VAL D 91 -7.26 11.04 16.18
C VAL D 91 -6.09 10.46 17.00
N ASP D 92 -5.89 11.00 18.23
CA ASP D 92 -4.74 10.66 19.10
C ASP D 92 -3.43 10.98 18.36
N GLY D 93 -3.45 12.01 17.51
CA GLY D 93 -2.32 12.44 16.70
C GLY D 93 -1.80 11.34 15.76
N GLN D 94 -2.72 10.50 15.26
CA GLN D 94 -2.39 9.43 14.33
C GLN D 94 -2.43 9.97 12.90
N PRO D 95 -1.50 9.55 12.01
CA PRO D 95 -1.40 10.12 10.67
C PRO D 95 -2.50 9.60 9.73
N ILE D 96 -3.03 10.49 8.87
CA ILE D 96 -4.06 10.15 7.89
C ILE D 96 -3.36 9.64 6.62
N PHE D 97 -3.59 8.38 6.27
CA PHE D 97 -2.91 7.71 5.17
C PHE D 97 -3.60 8.05 3.85
N ALA D 98 -2.81 8.18 2.78
CA ALA D 98 -3.27 8.48 1.42
C ALA D 98 -2.63 7.50 0.43
N ASN D 99 -3.35 6.40 0.16
CA ASN D 99 -2.87 5.31 -0.69
C ASN D 99 -3.08 5.69 -2.16
N ILE D 100 -2.00 6.15 -2.81
CA ILE D 100 -2.03 6.59 -4.22
C ILE D 100 -1.76 5.37 -5.12
N THR D 101 -2.73 5.09 -6.01
CA THR D 101 -2.70 3.89 -6.89
C THR D 101 -3.19 4.25 -8.29
N LEU D 102 -2.99 3.32 -9.23
CA LEU D 102 -3.53 3.42 -10.59
C LEU D 102 -5.04 3.18 -10.56
N PRO D 103 -5.81 3.79 -11.49
CA PRO D 103 -7.18 3.35 -11.76
C PRO D 103 -7.19 2.23 -12.81
N VAL D 104 -8.38 1.68 -13.08
CA VAL D 104 -8.57 0.71 -14.14
C VAL D 104 -8.85 1.49 -15.44
N TYR D 105 -7.77 1.89 -16.12
CA TYR D 105 -7.85 2.68 -17.35
C TYR D 105 -8.64 1.93 -18.42
N THR D 106 -9.36 2.68 -19.25
CA THR D 106 -10.02 2.14 -20.44
C THR D 106 -8.94 1.73 -21.44
N LEU D 107 -9.24 0.70 -22.24
CA LEU D 107 -8.30 0.15 -23.23
C LEU D 107 -7.91 1.24 -24.23
N LYS D 108 -8.84 2.13 -24.56
CA LYS D 108 -8.60 3.25 -25.47
C LYS D 108 -7.62 4.23 -24.81
N GLU D 109 -7.97 4.75 -23.63
CA GLU D 109 -7.18 5.77 -22.92
C GLU D 109 -5.79 5.21 -22.54
N ARG D 110 -5.73 3.89 -22.27
CA ARG D 110 -4.47 3.22 -21.93
C ARG D 110 -3.61 3.08 -23.20
N CYS D 111 -4.26 2.79 -24.34
CA CYS D 111 -3.57 2.70 -25.64
C CYS D 111 -3.00 4.07 -26.05
N LEU D 112 -3.78 5.14 -25.78
CA LEU D 112 -3.35 6.52 -26.06
C LEU D 112 -2.07 6.82 -25.27
N GLN D 113 -2.09 6.54 -23.96
CA GLN D 113 -0.97 6.80 -23.03
C GLN D 113 0.34 6.21 -23.59
N VAL D 114 0.25 5.01 -24.18
CA VAL D 114 1.41 4.29 -24.72
C VAL D 114 1.87 4.99 -26.02
N VAL D 115 0.93 5.29 -26.90
CA VAL D 115 1.19 5.96 -28.19
C VAL D 115 1.78 7.36 -27.90
N ARG D 116 1.16 8.08 -26.96
CA ARG D 116 1.60 9.42 -26.53
C ARG D 116 3.07 9.40 -26.09
N SER D 117 3.46 8.35 -25.36
CA SER D 117 4.80 8.24 -24.77
C SER D 117 5.85 7.89 -25.83
N LEU D 118 5.42 7.20 -26.91
CA LEU D 118 6.34 6.69 -27.95
C LEU D 118 6.37 7.62 -29.17
N VAL D 119 5.41 8.55 -29.28
CA VAL D 119 5.28 9.44 -30.44
C VAL D 119 5.15 10.89 -29.95
N LYS D 120 5.90 11.80 -30.60
CA LYS D 120 5.87 13.23 -30.28
C LYS D 120 4.55 13.84 -30.74
N PRO D 121 4.15 15.02 -30.21
CA PRO D 121 2.91 15.69 -30.65
C PRO D 121 2.84 15.98 -32.16
N GLU D 122 3.99 16.29 -32.76
CA GLU D 122 4.07 16.73 -34.18
C GLU D 122 4.03 15.50 -35.12
N ASN D 123 4.20 14.30 -34.57
CA ASN D 123 4.22 13.05 -35.34
C ASN D 123 2.87 12.30 -35.21
N TYR D 124 1.89 12.91 -34.52
CA TYR D 124 0.58 12.29 -34.31
C TYR D 124 -0.17 12.12 -35.64
N ARG D 125 0.04 13.06 -36.57
CA ARG D 125 -0.63 13.06 -37.87
C ARG D 125 0.27 12.41 -38.94
N ARG D 126 1.20 11.54 -38.50
CA ARG D 126 2.01 10.69 -39.38
C ARG D 126 1.72 9.21 -39.08
N LEU D 127 0.61 8.94 -38.38
CA LEU D 127 0.21 7.59 -37.97
C LEU D 127 -0.95 7.12 -38.84
N ASP D 128 -0.91 5.82 -39.21
CA ASP D 128 -1.92 5.20 -40.07
C ASP D 128 -3.11 4.80 -39.19
N ILE D 129 -3.96 5.79 -38.87
CA ILE D 129 -5.12 5.62 -38.00
C ILE D 129 -6.27 6.50 -38.51
N VAL D 130 -7.45 6.33 -37.90
CA VAL D 130 -8.67 7.07 -38.26
C VAL D 130 -8.50 8.54 -37.85
N ARG D 131 -9.17 9.44 -38.58
CA ARG D 131 -9.09 10.90 -38.39
C ARG D 131 -9.38 11.27 -36.94
N SER D 132 -10.47 10.71 -36.40
CA SER D 132 -10.99 11.03 -35.04
C SER D 132 -9.92 10.79 -33.97
N LEU D 133 -9.05 9.80 -34.16
CA LEU D 133 -8.03 9.40 -33.15
C LEU D 133 -6.94 10.48 -33.02
N TYR D 134 -6.75 11.29 -34.07
CA TYR D 134 -5.77 12.40 -34.04
C TYR D 134 -6.16 13.40 -32.94
N GLU D 135 -7.46 13.75 -32.87
CA GLU D 135 -8.00 14.66 -31.83
C GLU D 135 -7.81 14.04 -30.44
N ASP D 136 -8.07 12.73 -30.34
CA ASP D 136 -8.03 11.99 -29.07
C ASP D 136 -6.60 12.01 -28.48
N LEU D 137 -5.61 11.78 -29.36
CA LEU D 137 -4.20 11.79 -28.98
C LEU D 137 -3.79 13.21 -28.54
N GLU D 138 -4.13 14.20 -29.37
CA GLU D 138 -3.81 15.61 -29.13
C GLU D 138 -4.52 16.13 -27.87
N ASP D 139 -5.70 15.54 -27.57
CA ASP D 139 -6.43 15.83 -26.33
C ASP D 139 -5.72 15.12 -25.17
N HIS D 140 -4.67 15.78 -24.63
CA HIS D 140 -3.88 15.26 -23.52
C HIS D 140 -4.67 15.40 -22.22
N PRO D 141 -4.30 14.66 -21.15
CA PRO D 141 -4.96 14.80 -19.85
C PRO D 141 -4.54 16.11 -19.17
N ASN D 142 -5.53 16.99 -18.93
CA ASN D 142 -5.30 18.30 -18.33
C ASN D 142 -5.89 18.32 -16.91
N VAL D 143 -5.22 19.04 -16.01
CA VAL D 143 -5.63 19.15 -14.60
C VAL D 143 -6.85 20.09 -14.52
N GLN D 144 -6.69 21.30 -15.10
CA GLN D 144 -7.73 22.35 -15.09
C GLN D 144 -9.03 21.83 -15.71
N LYS D 145 -8.91 21.00 -16.75
CA LYS D 145 -10.05 20.43 -17.48
C LYS D 145 -10.80 19.43 -16.58
N ASP D 146 -10.04 18.64 -15.82
CA ASP D 146 -10.59 17.61 -14.92
C ASP D 146 -11.28 18.26 -13.71
N LEU D 147 -10.72 19.38 -13.23
CA LEU D 147 -11.28 20.13 -12.10
C LEU D 147 -12.64 20.74 -12.48
N GLU D 148 -12.78 21.15 -13.73
CA GLU D 148 -14.02 21.75 -14.25
C GLU D 148 -15.13 20.70 -14.31
N ARG D 149 -14.76 19.43 -14.55
CA ARG D 149 -15.71 18.29 -14.55
C ARG D 149 -16.21 18.02 -13.13
N LEU D 150 -15.26 17.86 -12.19
CA LEU D 150 -15.54 17.52 -10.78
C LEU D 150 -16.40 18.62 -10.14
N THR D 151 -16.12 19.88 -10.50
CA THR D 151 -16.87 21.04 -10.02
C THR D 151 -18.34 20.94 -10.45
N GLN D 152 -18.56 20.55 -11.72
CA GLN D 152 -19.91 20.42 -12.31
C GLN D 152 -20.62 19.19 -11.72
N GLU D 153 -19.86 18.11 -11.46
CA GLU D 153 -20.39 16.88 -10.85
C GLU D 153 -20.79 17.16 -9.38
N ARG D 154 -20.01 18.01 -8.70
CA ARG D 154 -20.26 18.41 -7.31
C ARG D 154 -21.55 19.23 -7.23
N ILE D 155 -21.80 20.06 -8.25
CA ILE D 155 -23.01 20.92 -8.33
C ILE D 155 -24.24 20.04 -8.62
N ALA D 156 -24.07 19.02 -9.47
CA ALA D 156 -25.15 18.08 -9.85
C ALA D 156 -25.59 17.25 -8.64
N HIS D 157 -24.65 17.00 -7.70
CA HIS D 157 -24.89 16.19 -6.51
C HIS D 157 -25.82 16.90 -5.52
N GLN D 158 -25.80 18.24 -5.52
CA GLN D 158 -26.60 19.05 -4.57
C GLN D 158 -28.09 18.89 -4.89
N LYS E 19 -50.70 17.69 -15.29
CA LYS E 19 -51.51 16.83 -14.36
C LYS E 19 -50.57 15.92 -13.56
N VAL E 20 -49.80 15.08 -14.28
CA VAL E 20 -48.89 14.08 -13.69
C VAL E 20 -47.54 14.74 -13.40
N SER E 21 -47.09 15.62 -14.32
CA SER E 21 -45.82 16.36 -14.21
C SER E 21 -45.84 17.28 -12.97
N GLU E 22 -47.04 17.72 -12.57
CA GLU E 22 -47.26 18.53 -11.37
C GLU E 22 -46.81 17.74 -10.13
N GLN E 23 -47.26 16.48 -10.05
CA GLN E 23 -47.01 15.59 -8.91
C GLN E 23 -45.55 15.14 -8.89
N LEU E 24 -45.00 14.81 -10.07
CA LEU E 24 -43.62 14.29 -10.22
C LEU E 24 -42.59 15.31 -9.70
N LYS E 25 -42.95 16.61 -9.77
CA LYS E 25 -42.11 17.69 -9.26
C LYS E 25 -42.26 17.80 -7.73
N CYS E 26 -43.48 17.53 -7.23
CA CYS E 26 -43.75 17.46 -5.77
C CYS E 26 -43.01 16.26 -5.15
N CYS E 27 -42.86 15.18 -5.93
CA CYS E 27 -42.11 13.97 -5.52
C CYS E 27 -40.65 14.32 -5.25
N SER E 28 -40.08 15.18 -6.12
CA SER E 28 -38.71 15.67 -5.97
C SER E 28 -38.56 16.47 -4.67
N GLY E 29 -39.58 17.31 -4.38
CA GLY E 29 -39.64 18.14 -3.17
C GLY E 29 -39.60 17.30 -1.90
N ILE E 30 -40.27 16.14 -1.93
CA ILE E 30 -40.29 15.19 -0.81
C ILE E 30 -38.87 14.67 -0.55
N LEU E 31 -38.25 14.11 -1.59
CA LEU E 31 -36.92 13.48 -1.50
C LEU E 31 -35.89 14.49 -0.97
N LYS E 32 -36.04 15.77 -1.36
CA LYS E 32 -35.15 16.87 -0.91
C LYS E 32 -35.23 17.01 0.62
N GLU E 33 -36.43 16.86 1.18
CA GLU E 33 -36.66 16.95 2.63
C GLU E 33 -36.11 15.71 3.34
N MET E 34 -36.19 14.55 2.67
CA MET E 34 -35.66 13.28 3.20
C MET E 34 -34.13 13.34 3.30
N PHE E 35 -33.50 14.02 2.34
CA PHE E 35 -32.04 14.21 2.30
C PHE E 35 -31.60 15.33 3.28
N ALA E 36 -32.48 16.33 3.47
CA ALA E 36 -32.16 17.56 4.24
C ALA E 36 -31.62 17.21 5.64
N LYS E 37 -30.87 18.16 6.20
CA LYS E 37 -30.17 18.01 7.50
C LYS E 37 -31.19 17.86 8.65
N LYS E 38 -32.42 18.33 8.42
CA LYS E 38 -33.53 18.21 9.38
C LYS E 38 -33.72 16.75 9.79
N HIS E 39 -33.87 15.87 8.79
CA HIS E 39 -34.09 14.43 8.98
C HIS E 39 -32.80 13.65 8.69
N ALA E 40 -31.68 14.12 9.25
CA ALA E 40 -30.35 13.56 8.96
C ALA E 40 -30.09 12.33 9.83
N ALA E 41 -30.46 12.43 11.11
CA ALA E 41 -30.09 11.46 12.16
C ALA E 41 -30.52 10.03 11.79
N TYR E 42 -31.66 9.90 11.10
CA TYR E 42 -32.30 8.58 10.87
C TYR E 42 -32.56 8.33 9.37
N ALA E 43 -31.87 9.05 8.49
CA ALA E 43 -32.02 8.87 7.03
C ALA E 43 -30.69 8.50 6.36
N TRP E 44 -29.58 8.56 7.12
CA TRP E 44 -28.23 8.49 6.55
C TRP E 44 -27.91 7.10 5.98
N PRO E 45 -28.48 5.98 6.49
CA PRO E 45 -28.25 4.67 5.88
C PRO E 45 -28.85 4.51 4.48
N PHE E 46 -29.90 5.27 4.18
CA PHE E 46 -30.73 5.09 2.97
C PHE E 46 -30.32 6.07 1.86
N TYR E 47 -29.31 6.92 2.12
CA TYR E 47 -28.83 7.90 1.13
C TYR E 47 -28.27 7.16 -0.09
N LYS E 48 -27.21 6.37 0.12
CA LYS E 48 -26.49 5.68 -0.95
C LYS E 48 -26.84 4.19 -0.91
N PRO E 49 -26.47 3.39 -1.94
CA PRO E 49 -26.76 1.95 -1.96
C PRO E 49 -26.08 1.18 -0.82
N VAL E 50 -26.62 -0.01 -0.52
CA VAL E 50 -26.13 -0.88 0.55
C VAL E 50 -24.79 -1.50 0.11
N ASP E 51 -23.70 -1.03 0.73
CA ASP E 51 -22.36 -1.54 0.47
C ASP E 51 -22.22 -2.90 1.16
N VAL E 52 -22.44 -3.98 0.40
CA VAL E 52 -22.41 -5.36 0.90
C VAL E 52 -21.00 -5.71 1.39
N GLU E 53 -19.97 -5.18 0.72
CA GLU E 53 -18.57 -5.43 1.07
C GLU E 53 -18.26 -4.83 2.45
N ALA E 54 -18.55 -3.53 2.59
CA ALA E 54 -18.23 -2.75 3.81
C ALA E 54 -18.98 -3.33 5.01
N LEU E 55 -20.29 -3.54 4.85
CA LEU E 55 -21.17 -4.03 5.92
C LEU E 55 -20.98 -5.56 6.10
N GLY E 56 -20.41 -6.21 5.09
CA GLY E 56 -20.06 -7.64 5.15
C GLY E 56 -21.29 -8.52 5.11
N LEU E 57 -22.19 -8.23 4.16
CA LEU E 57 -23.48 -8.90 4.02
C LEU E 57 -23.47 -9.76 2.75
N HIS E 58 -22.86 -10.95 2.85
CA HIS E 58 -22.74 -11.90 1.73
C HIS E 58 -24.12 -12.44 1.32
N ASP E 59 -25.04 -12.54 2.30
CA ASP E 59 -26.37 -13.13 2.10
C ASP E 59 -27.35 -12.12 1.45
N TYR E 60 -27.03 -10.82 1.55
CA TYR E 60 -27.96 -9.73 1.19
C TYR E 60 -28.53 -9.92 -0.22
N CYS E 61 -27.65 -10.15 -1.20
CA CYS E 61 -28.02 -10.19 -2.63
C CYS E 61 -28.99 -11.35 -2.92
N ASP E 62 -28.88 -12.43 -2.13
CA ASP E 62 -29.75 -13.62 -2.26
C ASP E 62 -31.16 -13.28 -1.77
N ILE E 63 -31.25 -12.55 -0.65
CA ILE E 63 -32.51 -12.23 0.03
C ILE E 63 -33.23 -11.12 -0.74
N ILE E 64 -32.56 -9.98 -0.91
CA ILE E 64 -33.11 -8.80 -1.59
C ILE E 64 -32.84 -8.93 -3.09
N LYS E 65 -33.90 -9.16 -3.86
CA LYS E 65 -33.83 -9.38 -5.31
C LYS E 65 -33.64 -8.04 -6.03
N HIS E 66 -34.32 -7.00 -5.53
CA HIS E 66 -34.30 -5.65 -6.14
C HIS E 66 -33.89 -4.61 -5.10
N PRO E 67 -32.58 -4.30 -4.96
CA PRO E 67 -32.12 -3.25 -4.06
C PRO E 67 -32.61 -1.85 -4.48
N MET E 68 -32.54 -0.90 -3.54
CA MET E 68 -32.97 0.49 -3.79
C MET E 68 -32.43 1.40 -2.68
N ASP E 69 -32.21 2.68 -3.05
CA ASP E 69 -31.75 3.73 -2.13
C ASP E 69 -32.25 5.09 -2.65
N MET E 70 -32.04 6.14 -1.85
CA MET E 70 -32.55 7.49 -2.14
C MET E 70 -31.75 8.11 -3.30
N SER E 71 -30.44 7.83 -3.37
CA SER E 71 -29.58 8.33 -4.44
C SER E 71 -30.01 7.77 -5.80
N THR E 72 -30.44 6.50 -5.81
CA THR E 72 -30.96 5.84 -7.01
C THR E 72 -32.25 6.54 -7.48
N ILE E 73 -33.18 6.74 -6.54
CA ILE E 73 -34.48 7.38 -6.81
C ILE E 73 -34.25 8.79 -7.35
N LYS E 74 -33.29 9.50 -6.77
CA LYS E 74 -32.94 10.88 -7.16
C LYS E 74 -32.57 10.92 -8.64
N SER E 75 -31.76 9.94 -9.08
CA SER E 75 -31.29 9.84 -10.48
C SER E 75 -32.47 9.64 -11.44
N LYS E 76 -33.42 8.80 -11.02
CA LYS E 76 -34.57 8.40 -11.85
C LYS E 76 -35.53 9.58 -12.05
N LEU E 77 -35.69 10.41 -11.01
CA LEU E 77 -36.52 11.64 -11.07
C LEU E 77 -35.92 12.61 -12.11
N GLU E 78 -34.60 12.79 -12.05
CA GLU E 78 -33.87 13.72 -12.93
C GLU E 78 -33.84 13.18 -14.37
N ALA E 79 -33.87 11.85 -14.52
CA ALA E 79 -33.81 11.17 -15.82
C ALA E 79 -35.22 10.90 -16.39
N ARG E 80 -36.27 11.35 -15.68
CA ARG E 80 -37.69 11.23 -16.10
C ARG E 80 -38.03 9.75 -16.36
N GLU E 81 -37.65 8.88 -15.42
CA GLU E 81 -37.80 7.42 -15.58
C GLU E 81 -39.10 6.94 -14.90
N TYR E 82 -39.71 7.80 -14.05
CA TYR E 82 -41.00 7.51 -13.41
C TYR E 82 -42.14 8.02 -14.30
N ARG E 83 -43.04 7.11 -14.70
CA ARG E 83 -44.19 7.43 -15.55
C ARG E 83 -45.12 8.39 -14.82
N ASP E 84 -45.32 8.13 -13.52
CA ASP E 84 -46.18 8.96 -12.65
C ASP E 84 -45.63 8.94 -11.22
N ALA E 85 -46.33 9.63 -10.32
CA ALA E 85 -45.94 9.78 -8.91
C ALA E 85 -46.15 8.46 -8.15
N GLN E 86 -46.99 7.57 -8.70
CA GLN E 86 -47.33 6.29 -8.06
C GLN E 86 -46.11 5.36 -8.13
N GLU E 87 -45.39 5.40 -9.26
CA GLU E 87 -44.18 4.57 -9.48
C GLU E 87 -43.05 5.05 -8.55
N PHE E 88 -42.99 6.36 -8.29
CA PHE E 88 -41.99 6.96 -7.39
C PHE E 88 -42.15 6.36 -5.98
N GLY E 89 -43.39 6.26 -5.51
CA GLY E 89 -43.72 5.71 -4.19
C GLY E 89 -43.24 4.28 -4.03
N ALA E 90 -43.53 3.45 -5.05
CA ALA E 90 -43.19 2.02 -5.07
C ALA E 90 -41.70 1.81 -4.71
N ASP E 91 -40.82 2.65 -5.28
CA ASP E 91 -39.37 2.57 -5.06
C ASP E 91 -39.01 3.01 -3.63
N VAL E 92 -39.66 4.08 -3.15
CA VAL E 92 -39.43 4.59 -1.80
C VAL E 92 -39.87 3.51 -0.79
N ARG E 93 -40.99 2.85 -1.09
CA ARG E 93 -41.54 1.80 -0.25
C ARG E 93 -40.67 0.53 -0.35
N LEU E 94 -40.19 0.22 -1.57
CA LEU E 94 -39.28 -0.90 -1.82
C LEU E 94 -38.01 -0.75 -0.95
N MET E 95 -37.52 0.48 -0.83
CA MET E 95 -36.32 0.82 -0.06
C MET E 95 -36.49 0.36 1.39
N PHE E 96 -37.61 0.75 2.01
CA PHE E 96 -37.93 0.41 3.40
C PHE E 96 -38.30 -1.08 3.50
N SER E 97 -39.08 -1.57 2.53
CA SER E 97 -39.51 -2.96 2.44
C SER E 97 -38.28 -3.90 2.54
N ASN E 98 -37.24 -3.60 1.76
CA ASN E 98 -36.00 -4.37 1.75
C ASN E 98 -35.36 -4.35 3.15
N CYS E 99 -35.31 -3.17 3.76
CA CYS E 99 -34.70 -2.96 5.09
C CYS E 99 -35.45 -3.79 6.15
N TYR E 100 -36.79 -3.79 6.07
CA TYR E 100 -37.65 -4.57 6.98
C TYR E 100 -37.45 -6.07 6.74
N LYS E 101 -37.39 -6.46 5.47
CA LYS E 101 -37.28 -7.86 5.05
C LYS E 101 -36.00 -8.48 5.61
N TYR E 102 -34.88 -7.77 5.45
CA TYR E 102 -33.55 -8.29 5.79
C TYR E 102 -33.37 -8.36 7.31
N ASN E 103 -33.62 -7.23 7.99
CA ASN E 103 -33.25 -7.03 9.41
C ASN E 103 -34.35 -7.57 10.33
N PRO E 104 -34.02 -7.88 11.60
CA PRO E 104 -35.03 -8.25 12.60
C PRO E 104 -35.81 -7.03 13.09
N PRO E 105 -36.94 -7.21 13.83
CA PRO E 105 -37.78 -6.10 14.25
C PRO E 105 -37.07 -5.07 15.14
N ASP E 106 -36.21 -5.56 16.05
CA ASP E 106 -35.60 -4.75 17.11
C ASP E 106 -34.29 -4.11 16.64
N HIS E 107 -33.96 -4.26 15.34
CA HIS E 107 -32.73 -3.69 14.76
C HIS E 107 -32.85 -2.16 14.71
N GLU E 108 -31.68 -1.49 14.70
CA GLU E 108 -31.57 -0.02 14.77
C GLU E 108 -31.99 0.59 13.43
N VAL E 109 -31.51 0.00 12.33
CA VAL E 109 -31.77 0.47 10.97
C VAL E 109 -33.29 0.42 10.70
N VAL E 110 -33.97 -0.57 11.28
CA VAL E 110 -35.43 -0.73 11.13
C VAL E 110 -36.13 0.42 11.84
N ALA E 111 -35.69 0.74 13.06
CA ALA E 111 -36.25 1.85 13.88
C ALA E 111 -36.14 3.17 13.10
N MET E 112 -35.00 3.37 12.45
CA MET E 112 -34.72 4.56 11.65
C MET E 112 -35.55 4.52 10.35
N ALA E 113 -35.65 3.33 9.74
CA ALA E 113 -36.45 3.11 8.52
C ALA E 113 -37.89 3.57 8.75
N ARG E 114 -38.46 3.17 9.90
CA ARG E 114 -39.83 3.53 10.29
C ARG E 114 -39.94 5.04 10.48
N LYS E 115 -38.96 5.64 11.17
CA LYS E 115 -38.93 7.09 11.47
C LYS E 115 -39.00 7.89 10.16
N LEU E 116 -38.16 7.51 9.18
CA LEU E 116 -38.07 8.21 7.88
C LEU E 116 -39.33 7.94 7.05
N GLN E 117 -39.81 6.69 7.06
CA GLN E 117 -41.00 6.27 6.29
C GLN E 117 -42.22 7.08 6.71
N ASP E 118 -42.41 7.23 8.04
CA ASP E 118 -43.56 7.93 8.63
C ASP E 118 -43.58 9.39 8.17
N VAL E 119 -42.40 9.96 7.89
CA VAL E 119 -42.28 11.31 7.30
C VAL E 119 -42.77 11.26 5.85
N PHE E 120 -42.19 10.35 5.06
CA PHE E 120 -42.53 10.19 3.63
C PHE E 120 -44.05 10.00 3.45
N GLU E 121 -44.61 9.07 4.22
CA GLU E 121 -46.05 8.69 4.13
C GLU E 121 -46.92 9.92 4.39
N MET E 122 -46.51 10.77 5.34
CA MET E 122 -47.24 11.97 5.71
C MET E 122 -47.29 12.95 4.52
N ARG E 123 -46.16 13.10 3.82
CA ARG E 123 -46.03 14.06 2.70
C ARG E 123 -46.67 13.50 1.43
N PHE E 124 -46.41 12.22 1.16
CA PHE E 124 -46.93 11.52 -0.03
C PHE E 124 -48.47 11.48 0.02
N ALA E 125 -49.02 11.37 1.24
CA ALA E 125 -50.47 11.36 1.46
C ALA E 125 -51.08 12.74 1.21
N LYS E 126 -50.37 13.79 1.66
CA LYS E 126 -50.86 15.19 1.61
C LYS E 126 -50.36 15.91 0.34
N MET E 127 -50.05 15.15 -0.72
CA MET E 127 -49.70 15.71 -2.02
C MET E 127 -50.99 16.14 -2.73
N PRO E 128 -51.03 17.36 -3.34
CA PRO E 128 -52.24 17.82 -4.03
C PRO E 128 -52.45 17.09 -5.37
N ASP E 129 -53.72 17.09 -5.83
CA ASP E 129 -54.12 16.45 -7.09
C ASP E 129 -55.49 17.01 -7.52
N MET F 1 16.47 3.34 -7.45
CA MET F 1 16.55 2.96 -6.00
C MET F 1 18.00 2.61 -5.64
N ASP F 2 18.24 2.41 -4.34
CA ASP F 2 19.57 2.08 -3.79
C ASP F 2 19.77 0.57 -3.82
N VAL F 3 21.02 0.16 -4.11
CA VAL F 3 21.44 -1.26 -4.05
C VAL F 3 22.36 -1.44 -2.85
N PHE F 4 22.26 -2.61 -2.20
CA PHE F 4 23.02 -2.95 -1.01
C PHE F 4 23.93 -4.14 -1.34
N LEU F 5 25.23 -4.01 -1.01
CA LEU F 5 26.27 -4.86 -1.55
C LEU F 5 27.09 -5.50 -0.42
N MET F 6 27.78 -6.60 -0.77
CA MET F 6 28.81 -7.23 0.04
C MET F 6 30.10 -7.33 -0.79
N ILE F 7 31.01 -6.36 -0.62
CA ILE F 7 32.29 -6.34 -1.33
C ILE F 7 33.29 -7.21 -0.56
N ARG F 8 33.65 -8.37 -1.14
CA ARG F 8 34.39 -9.42 -0.43
C ARG F 8 35.69 -9.76 -1.17
N ARG F 9 36.79 -9.83 -0.39
CA ARG F 9 38.08 -10.39 -0.82
C ARG F 9 38.64 -11.25 0.31
N HIS F 10 39.13 -12.45 -0.03
CA HIS F 10 39.72 -13.40 0.91
C HIS F 10 38.71 -13.63 2.08
N LYS F 11 39.00 -13.06 3.26
CA LYS F 11 38.13 -13.20 4.45
C LYS F 11 37.56 -11.84 4.86
N THR F 12 37.76 -10.82 4.03
CA THR F 12 37.22 -9.47 4.25
C THR F 12 35.82 -9.39 3.62
N THR F 13 34.97 -8.52 4.18
CA THR F 13 33.60 -8.30 3.71
C THR F 13 33.15 -6.89 4.12
N ILE F 14 32.88 -6.04 3.12
CA ILE F 14 32.41 -4.66 3.34
C ILE F 14 30.92 -4.59 3.00
N PHE F 15 30.11 -4.27 4.02
CA PHE F 15 28.70 -3.93 3.85
C PHE F 15 28.57 -2.43 3.59
N THR F 16 28.13 -2.06 2.39
CA THR F 16 28.00 -0.67 1.98
C THR F 16 26.88 -0.54 0.94
N ASP F 17 26.16 0.59 1.01
CA ASP F 17 25.04 0.90 0.13
C ASP F 17 25.54 1.79 -1.01
N ALA F 18 24.83 1.70 -2.15
CA ALA F 18 25.12 2.52 -3.34
C ALA F 18 23.81 2.76 -4.11
N LYS F 19 23.92 3.39 -5.27
CA LYS F 19 22.79 3.61 -6.17
C LYS F 19 22.99 2.78 -7.44
N GLU F 20 21.89 2.57 -8.18
CA GLU F 20 21.93 1.91 -9.49
C GLU F 20 22.67 2.81 -10.49
N SER F 21 22.53 4.13 -10.31
CA SER F 21 23.12 5.14 -11.18
C SER F 21 24.65 5.19 -11.04
N SER F 22 25.15 4.94 -9.81
CA SER F 22 26.59 5.03 -9.49
C SER F 22 27.39 4.02 -10.31
N THR F 23 28.67 4.33 -10.54
CA THR F 23 29.56 3.55 -11.39
C THR F 23 30.44 2.62 -10.55
N VAL F 24 31.11 1.68 -11.24
CA VAL F 24 32.03 0.72 -10.63
C VAL F 24 33.26 1.48 -10.10
N PHE F 25 33.68 2.51 -10.82
CA PHE F 25 34.82 3.34 -10.42
C PHE F 25 34.48 4.10 -9.13
N GLU F 26 33.25 4.59 -9.02
CA GLU F 26 32.76 5.28 -7.82
C GLU F 26 32.69 4.30 -6.65
N LEU F 27 32.39 3.03 -6.94
CA LEU F 27 32.37 1.95 -5.95
C LEU F 27 33.79 1.65 -5.45
N LYS F 28 34.77 1.72 -6.38
CA LYS F 28 36.19 1.48 -6.05
C LYS F 28 36.74 2.61 -5.17
N ARG F 29 36.13 3.81 -5.25
CA ARG F 29 36.49 4.96 -4.39
C ARG F 29 36.05 4.67 -2.95
N ILE F 30 34.98 3.89 -2.78
CA ILE F 30 34.50 3.46 -1.45
C ILE F 30 35.51 2.46 -0.86
N VAL F 31 35.99 1.55 -1.71
CA VAL F 31 36.97 0.52 -1.34
C VAL F 31 38.30 1.21 -0.96
N GLU F 32 38.66 2.27 -1.70
CA GLU F 32 39.89 3.04 -1.46
C GLU F 32 39.82 3.76 -0.11
N GLY F 33 38.65 4.37 0.18
CA GLY F 33 38.41 5.10 1.42
C GLY F 33 38.53 4.21 2.66
N ILE F 34 38.24 2.92 2.49
CA ILE F 34 38.26 1.95 3.57
C ILE F 34 39.62 1.23 3.62
N LEU F 35 40.00 0.59 2.50
CA LEU F 35 41.14 -0.36 2.45
C LEU F 35 42.40 0.29 1.87
N LYS F 36 42.40 1.62 1.68
CA LYS F 36 43.60 2.42 1.31
C LYS F 36 44.15 2.02 -0.08
N ARG F 37 43.35 1.29 -0.87
CA ARG F 37 43.80 0.72 -2.15
C ARG F 37 43.18 1.51 -3.30
N PRO F 38 43.99 2.10 -4.22
CA PRO F 38 43.47 2.93 -5.30
C PRO F 38 42.79 2.12 -6.40
N PRO F 39 41.83 2.71 -7.15
CA PRO F 39 41.07 1.98 -8.18
C PRO F 39 41.88 1.20 -9.22
N ASP F 40 43.06 1.72 -9.59
CA ASP F 40 43.94 1.10 -10.58
C ASP F 40 44.47 -0.25 -10.06
N GLU F 41 44.53 -0.40 -8.73
CA GLU F 41 44.99 -1.64 -8.06
C GLU F 41 43.79 -2.47 -7.59
N GLN F 42 42.64 -2.35 -8.28
CA GLN F 42 41.40 -3.06 -7.89
C GLN F 42 40.79 -3.76 -9.11
N ARG F 43 40.19 -4.93 -8.85
CA ARG F 43 39.40 -5.69 -9.83
C ARG F 43 38.10 -6.15 -9.16
N LEU F 44 36.97 -5.54 -9.54
CA LEU F 44 35.65 -5.87 -9.00
C LEU F 44 34.91 -6.80 -9.98
N TYR F 45 34.35 -7.88 -9.43
CA TYR F 45 33.69 -8.94 -10.21
C TYR F 45 32.20 -9.06 -9.79
N LYS F 46 31.40 -9.62 -10.71
CA LYS F 46 30.03 -10.10 -10.44
C LYS F 46 30.00 -11.60 -10.75
N ASP F 47 30.06 -12.41 -9.68
CA ASP F 47 30.27 -13.87 -9.78
C ASP F 47 31.66 -14.13 -10.37
N ASP F 48 31.72 -14.47 -11.67
CA ASP F 48 32.98 -14.68 -12.40
C ASP F 48 33.24 -13.50 -13.36
N GLN F 49 32.17 -12.78 -13.73
CA GLN F 49 32.22 -11.70 -14.74
C GLN F 49 32.94 -10.48 -14.16
N LEU F 50 33.98 -10.02 -14.88
CA LEU F 50 34.72 -8.80 -14.53
C LEU F 50 33.87 -7.59 -14.95
N LEU F 51 33.98 -6.50 -14.16
CA LEU F 51 33.16 -5.29 -14.35
C LEU F 51 34.04 -4.13 -14.84
N ASP F 52 33.46 -3.29 -15.71
CA ASP F 52 34.13 -2.11 -16.28
C ASP F 52 33.90 -0.90 -15.38
N ASP F 53 34.89 0.00 -15.36
CA ASP F 53 34.89 1.18 -14.48
C ASP F 53 33.82 2.18 -14.92
N GLY F 54 33.57 2.26 -16.23
CA GLY F 54 32.65 3.24 -16.83
C GLY F 54 31.19 2.87 -16.64
N LYS F 55 30.89 1.56 -16.66
CA LYS F 55 29.51 1.04 -16.59
C LYS F 55 28.97 1.18 -15.17
N THR F 56 27.66 1.42 -15.06
CA THR F 56 26.97 1.62 -13.78
C THR F 56 26.66 0.26 -13.14
N LEU F 57 26.28 0.28 -11.86
CA LEU F 57 25.95 -0.93 -11.10
C LEU F 57 24.63 -1.53 -11.64
N GLY F 58 23.70 -0.65 -12.04
CA GLY F 58 22.46 -1.06 -12.69
C GLY F 58 22.72 -1.76 -14.02
N GLU F 59 23.67 -1.22 -14.80
CA GLU F 59 24.08 -1.78 -16.10
C GLU F 59 24.79 -3.13 -15.90
N CYS F 60 25.52 -3.26 -14.78
CA CYS F 60 26.27 -4.48 -14.44
C CYS F 60 25.30 -5.64 -14.11
N GLY F 61 24.13 -5.31 -13.57
CA GLY F 61 23.09 -6.30 -13.23
C GLY F 61 22.54 -6.11 -11.84
N PHE F 62 23.28 -5.40 -10.97
CA PHE F 62 22.86 -5.14 -9.58
C PHE F 62 21.63 -4.24 -9.58
N THR F 63 20.45 -4.84 -9.42
CA THR F 63 19.18 -4.12 -9.27
C THR F 63 18.81 -4.05 -7.78
N SER F 64 18.05 -3.00 -7.42
CA SER F 64 17.62 -2.77 -6.04
C SER F 64 16.63 -3.86 -5.59
N GLN F 65 15.89 -4.43 -6.55
CA GLN F 65 14.94 -5.51 -6.30
C GLN F 65 15.70 -6.76 -5.82
N THR F 66 16.75 -7.13 -6.54
CA THR F 66 17.55 -8.34 -6.25
C THR F 66 18.46 -8.09 -5.03
N ALA F 67 19.25 -7.02 -5.11
CA ALA F 67 20.20 -6.65 -4.04
C ALA F 67 19.51 -5.74 -3.01
N ARG F 68 19.02 -6.35 -1.92
CA ARG F 68 18.24 -5.67 -0.86
C ARG F 68 19.09 -5.54 0.41
N PRO F 69 18.67 -4.70 1.39
CA PRO F 69 19.39 -4.60 2.67
C PRO F 69 19.57 -5.93 3.40
N GLN F 70 18.49 -6.71 3.51
CA GLN F 70 18.47 -7.98 4.25
C GLN F 70 19.18 -9.08 3.43
N ALA F 71 19.15 -8.94 2.10
CA ALA F 71 19.75 -9.92 1.17
C ALA F 71 20.62 -9.20 0.15
N PRO F 72 21.79 -8.64 0.57
CA PRO F 72 22.66 -7.89 -0.35
C PRO F 72 23.45 -8.79 -1.30
N ALA F 73 23.62 -8.33 -2.55
CA ALA F 73 24.35 -9.06 -3.59
C ALA F 73 25.85 -8.92 -3.34
N THR F 74 26.59 -10.01 -3.58
CA THR F 74 28.03 -10.07 -3.33
C THR F 74 28.79 -9.47 -4.53
N VAL F 75 29.91 -8.83 -4.24
CA VAL F 75 30.80 -8.21 -5.25
C VAL F 75 32.23 -8.69 -4.97
N GLY F 76 32.78 -9.46 -5.91
CA GLY F 76 34.15 -9.98 -5.80
C GLY F 76 35.17 -8.85 -5.87
N LEU F 77 36.31 -9.06 -5.19
CA LEU F 77 37.41 -8.08 -5.15
C LEU F 77 38.76 -8.82 -5.18
N ALA F 78 39.70 -8.27 -5.96
CA ALA F 78 41.06 -8.80 -6.09
C ALA F 78 42.02 -7.63 -6.32
N PHE F 79 43.08 -7.56 -5.49
CA PHE F 79 44.07 -6.47 -5.53
C PHE F 79 45.25 -6.86 -6.43
N ARG F 80 46.12 -5.88 -6.69
CA ARG F 80 47.34 -6.05 -7.47
C ARG F 80 48.55 -6.16 -6.52
N ALA F 81 49.53 -6.96 -6.92
CA ALA F 81 50.77 -7.18 -6.17
C ALA F 81 51.89 -7.59 -7.13
N ASP F 82 53.03 -6.87 -7.05
CA ASP F 82 54.18 -7.06 -7.95
C ASP F 82 53.79 -6.72 -9.40
N ASP F 83 52.90 -5.73 -9.56
CA ASP F 83 52.44 -5.23 -10.86
C ASP F 83 51.70 -6.33 -11.64
N THR F 84 50.98 -7.19 -10.90
CA THR F 84 50.16 -8.27 -11.49
C THR F 84 48.96 -8.56 -10.57
N PHE F 85 47.78 -8.71 -11.17
CA PHE F 85 46.53 -8.92 -10.43
C PHE F 85 46.38 -10.40 -10.03
N GLU F 86 45.97 -10.62 -8.78
CA GLU F 86 45.66 -11.94 -8.26
C GLU F 86 44.33 -12.42 -8.87
N ALA F 87 44.18 -13.74 -8.98
CA ALA F 87 42.90 -14.35 -9.35
C ALA F 87 41.92 -14.17 -8.19
N LEU F 88 40.65 -13.93 -8.53
CA LEU F 88 39.60 -13.66 -7.54
C LEU F 88 39.54 -14.83 -6.54
N CYS F 89 39.61 -14.50 -5.25
CA CYS F 89 39.54 -15.48 -4.16
C CYS F 89 38.67 -14.93 -3.02
N ILE F 90 37.58 -15.65 -2.71
CA ILE F 90 36.68 -15.34 -1.59
C ILE F 90 36.50 -16.61 -0.76
N GLU F 91 36.98 -16.58 0.49
CA GLU F 91 36.77 -17.67 1.44
C GLU F 91 35.31 -17.69 1.87
N PRO F 92 34.61 -18.84 1.82
CA PRO F 92 33.21 -18.91 2.22
C PRO F 92 33.03 -18.83 3.74
N PHE F 93 31.81 -18.50 4.19
CA PHE F 93 31.48 -18.46 5.61
C PHE F 93 31.37 -19.89 6.16
N SER F 94 31.31 -20.00 7.49
CA SER F 94 31.21 -21.29 8.18
C SER F 94 29.82 -21.88 7.97
N SER F 95 29.72 -23.21 8.11
CA SER F 95 28.48 -23.96 7.93
C SER F 95 27.66 -23.95 9.22
N PRO F 96 26.32 -23.72 9.17
CA PRO F 96 25.46 -23.93 10.33
C PRO F 96 25.35 -25.42 10.66
N PRO F 97 25.13 -25.80 11.94
CA PRO F 97 24.95 -27.20 12.30
C PRO F 97 23.62 -27.75 11.73
N GLU F 98 23.60 -29.06 11.45
CA GLU F 98 22.46 -29.72 10.80
C GLU F 98 21.21 -29.55 11.68
N LEU F 99 20.05 -29.44 11.00
CA LEU F 99 18.76 -29.12 11.64
C LEU F 99 18.45 -30.15 12.72
N PRO F 100 18.32 -29.74 14.01
CA PRO F 100 17.90 -30.65 15.08
C PRO F 100 16.53 -31.32 14.81
N ASP F 101 16.28 -32.43 15.52
CA ASP F 101 15.09 -33.29 15.30
C ASP F 101 13.80 -32.52 15.62
N VAL F 102 13.86 -31.65 16.64
CA VAL F 102 12.68 -30.89 17.12
C VAL F 102 12.27 -29.86 16.05
N MET F 103 13.24 -29.34 15.30
CA MET F 103 13.02 -28.29 14.31
C MET F 103 12.54 -28.90 12.97
N LYS F 104 12.80 -30.19 12.76
CA LYS F 104 12.32 -30.93 11.58
C LYS F 104 10.79 -31.06 11.66
N MET G 1 30.90 8.09 6.43
CA MET G 1 30.61 7.73 7.85
C MET G 1 31.80 6.96 8.44
N MET G 2 31.87 6.93 9.78
CA MET G 2 32.85 6.13 10.51
C MET G 2 32.51 4.65 10.35
N TYR G 3 33.53 3.82 10.07
CA TYR G 3 33.38 2.37 9.94
C TYR G 3 34.02 1.68 11.14
N VAL G 4 33.57 0.45 11.42
CA VAL G 4 34.09 -0.37 12.52
C VAL G 4 34.22 -1.82 12.04
N LYS G 5 35.25 -2.52 12.54
CA LYS G 5 35.57 -3.89 12.14
C LYS G 5 35.02 -4.87 13.19
N LEU G 6 34.13 -5.76 12.74
CA LEU G 6 33.56 -6.83 13.58
C LEU G 6 34.15 -8.17 13.12
N ILE G 7 34.98 -8.78 13.99
CA ILE G 7 35.67 -10.04 13.68
C ILE G 7 34.91 -11.19 14.34
N SER G 8 34.72 -12.28 13.58
CA SER G 8 34.05 -13.49 14.05
C SER G 8 35.05 -14.39 14.76
N SER G 9 34.56 -15.52 15.31
CA SER G 9 35.39 -16.50 16.00
C SER G 9 36.35 -17.20 15.00
N ASP G 10 35.88 -17.42 13.77
CA ASP G 10 36.61 -18.17 12.73
C ASP G 10 37.46 -17.23 11.86
N GLY G 11 37.60 -15.96 12.28
CA GLY G 11 38.50 -15.00 11.67
C GLY G 11 37.98 -14.48 10.33
N HIS G 12 36.76 -13.94 10.35
CA HIS G 12 36.16 -13.25 9.21
C HIS G 12 35.85 -11.80 9.61
N GLU G 13 36.56 -10.85 8.99
CA GLU G 13 36.44 -9.43 9.29
C GLU G 13 35.25 -8.85 8.54
N PHE G 14 34.40 -8.08 9.26
CA PHE G 14 33.20 -7.45 8.70
C PHE G 14 33.23 -5.95 9.01
N ILE G 15 33.43 -5.15 7.96
CA ILE G 15 33.51 -3.69 8.07
C ILE G 15 32.14 -3.10 7.79
N VAL G 16 31.47 -2.63 8.85
CA VAL G 16 30.17 -1.96 8.77
C VAL G 16 30.33 -0.53 9.30
N LYS G 17 29.34 0.33 9.00
CA LYS G 17 29.30 1.70 9.50
C LYS G 17 29.08 1.68 11.01
N ARG G 18 29.59 2.70 11.70
CA ARG G 18 29.53 2.80 13.16
C ARG G 18 28.07 2.96 13.60
N GLU G 19 27.31 3.78 12.86
CA GLU G 19 25.87 4.02 13.12
C GLU G 19 25.09 2.70 13.06
N HIS G 20 25.42 1.85 12.08
CA HIS G 20 24.76 0.55 11.87
C HIS G 20 25.07 -0.40 13.04
N ALA G 21 26.31 -0.35 13.54
CA ALA G 21 26.78 -1.22 14.63
C ALA G 21 26.12 -0.80 15.97
N LEU G 22 25.83 0.50 16.12
CA LEU G 22 25.27 1.06 17.37
C LEU G 22 23.82 0.59 17.60
N THR G 23 23.21 -0.03 16.58
CA THR G 23 21.93 -0.75 16.73
C THR G 23 22.04 -1.77 17.88
N SER G 24 23.20 -2.44 17.96
CA SER G 24 23.54 -3.36 19.05
C SER G 24 23.95 -2.56 20.29
N GLY G 25 23.26 -2.82 21.41
CA GLY G 25 23.53 -2.16 22.70
C GLY G 25 24.83 -2.65 23.34
N THR G 26 25.19 -3.91 23.06
CA THR G 26 26.44 -4.52 23.55
C THR G 26 27.63 -3.78 22.93
N ILE G 27 27.59 -3.57 21.61
CA ILE G 27 28.66 -2.91 20.86
C ILE G 27 28.75 -1.43 21.27
N LYS G 28 27.58 -0.81 21.47
CA LYS G 28 27.48 0.58 21.98
C LYS G 28 28.33 0.73 23.24
N ALA G 29 28.17 -0.22 24.17
CA ALA G 29 28.86 -0.22 25.47
C ALA G 29 30.36 -0.53 25.29
N MET G 30 30.66 -1.50 24.41
CA MET G 30 32.03 -2.00 24.19
C MET G 30 32.95 -0.86 23.72
N LEU G 31 32.44 0.00 22.81
CA LEU G 31 33.22 1.09 22.23
C LEU G 31 33.45 2.19 23.29
N SER G 32 32.35 2.83 23.73
CA SER G 32 32.42 3.93 24.70
C SER G 32 32.49 3.36 26.12
N ASN G 43 37.63 0.99 19.08
CA ASN G 43 37.24 1.20 17.69
C ASN G 43 37.03 -0.16 17.01
N GLU G 44 38.05 -1.02 17.08
CA GLU G 44 38.03 -2.38 16.52
C GLU G 44 37.48 -3.34 17.59
N VAL G 45 36.45 -4.12 17.23
CA VAL G 45 35.75 -5.05 18.15
C VAL G 45 35.97 -6.49 17.65
N ASN G 46 36.07 -7.42 18.61
CA ASN G 46 36.32 -8.85 18.35
C ASN G 46 35.35 -9.70 19.18
N PHE G 47 34.92 -10.83 18.62
CA PHE G 47 33.98 -11.76 19.26
C PHE G 47 34.54 -13.18 19.19
N ARG G 48 34.59 -13.86 20.34
CA ARG G 48 35.28 -15.15 20.51
C ARG G 48 34.33 -16.33 20.19
N GLU G 49 33.02 -16.12 20.33
CA GLU G 49 32.01 -17.20 20.25
C GLU G 49 31.37 -17.24 18.86
N ILE G 50 30.84 -16.09 18.41
CA ILE G 50 29.99 -16.02 17.20
C ILE G 50 30.78 -16.47 15.98
N PRO G 51 30.20 -17.34 15.11
CA PRO G 51 30.83 -17.71 13.84
C PRO G 51 30.59 -16.66 12.75
N SER G 52 31.13 -16.92 11.55
CA SER G 52 31.11 -15.97 10.43
C SER G 52 29.68 -15.81 9.89
N HIS G 53 29.05 -16.94 9.55
CA HIS G 53 27.73 -16.95 8.89
C HIS G 53 26.66 -16.26 9.77
N VAL G 54 26.81 -16.40 11.10
CA VAL G 54 25.92 -15.75 12.06
C VAL G 54 26.16 -14.24 12.03
N LEU G 55 27.43 -13.84 12.22
CA LEU G 55 27.81 -12.42 12.33
C LEU G 55 27.48 -11.68 11.03
N SER G 56 27.62 -12.36 9.89
CA SER G 56 27.27 -11.80 8.57
C SER G 56 25.78 -11.48 8.50
N LYS G 57 24.96 -12.36 9.09
CA LYS G 57 23.50 -12.21 9.11
C LYS G 57 23.10 -11.06 10.06
N VAL G 58 23.87 -10.87 11.13
CA VAL G 58 23.66 -9.80 12.10
C VAL G 58 23.87 -8.44 11.42
N CYS G 59 24.89 -8.38 10.55
CA CYS G 59 25.22 -7.17 9.78
C CYS G 59 24.10 -6.84 8.79
N MET G 60 23.52 -7.89 8.19
CA MET G 60 22.40 -7.74 7.24
C MET G 60 21.18 -7.17 7.96
N TYR G 61 21.01 -7.49 9.26
CA TYR G 61 19.93 -6.93 10.06
C TYR G 61 20.17 -5.43 10.29
N PHE G 62 21.41 -5.06 10.65
CA PHE G 62 21.76 -3.65 10.89
C PHE G 62 21.37 -2.81 9.66
N THR G 63 21.76 -3.29 8.48
CA THR G 63 21.42 -2.66 7.19
C THR G 63 19.89 -2.53 7.07
N TYR G 64 19.20 -3.65 7.37
CA TYR G 64 17.73 -3.75 7.29
C TYR G 64 17.07 -2.81 8.31
N LYS G 65 17.60 -2.77 9.53
CA LYS G 65 17.03 -2.01 10.63
C LYS G 65 17.16 -0.51 10.32
N VAL G 66 18.39 -0.06 10.06
CA VAL G 66 18.73 1.36 9.79
C VAL G 66 17.85 1.88 8.63
N ARG G 67 17.72 1.06 7.57
CA ARG G 67 17.00 1.43 6.35
C ARG G 67 15.51 1.63 6.66
N TYR G 68 14.86 0.58 7.16
CA TYR G 68 13.39 0.49 7.18
C TYR G 68 12.79 1.10 8.46
N THR G 69 13.64 1.63 9.36
CA THR G 69 13.17 2.36 10.55
C THR G 69 12.68 3.76 10.11
N ASN G 70 11.51 4.16 10.64
CA ASN G 70 10.84 5.44 10.31
C ASN G 70 10.53 5.51 8.82
N SER G 71 10.26 4.34 8.21
CA SER G 71 10.05 4.22 6.77
C SER G 71 8.55 4.16 6.46
N SER G 72 8.09 5.06 5.58
CA SER G 72 6.71 5.08 5.09
C SER G 72 6.52 4.01 3.99
N THR G 73 7.64 3.58 3.38
CA THR G 73 7.67 2.47 2.43
C THR G 73 7.45 1.16 3.21
N GLU G 74 6.42 0.40 2.83
CA GLU G 74 6.04 -0.86 3.50
C GLU G 74 7.29 -1.75 3.66
N ILE G 75 7.41 -2.38 4.83
CA ILE G 75 8.62 -3.07 5.27
C ILE G 75 8.53 -4.55 4.93
N PRO G 76 9.54 -5.14 4.26
CA PRO G 76 9.56 -6.58 3.99
C PRO G 76 9.97 -7.38 5.23
N GLU G 77 9.64 -8.68 5.23
CA GLU G 77 9.96 -9.58 6.35
C GLU G 77 11.47 -9.89 6.33
N PHE G 78 12.11 -9.80 7.51
CA PHE G 78 13.51 -10.15 7.66
C PHE G 78 13.64 -11.67 7.68
N PRO G 79 14.27 -12.29 6.65
CA PRO G 79 14.33 -13.75 6.55
C PRO G 79 15.39 -14.37 7.46
N ILE G 80 15.04 -15.49 8.10
CA ILE G 80 15.96 -16.30 8.90
C ILE G 80 15.70 -17.78 8.58
N ALA G 81 16.68 -18.44 7.95
CA ALA G 81 16.59 -19.86 7.60
C ALA G 81 16.53 -20.70 8.87
N PRO G 82 15.86 -21.88 8.84
CA PRO G 82 15.68 -22.71 10.05
C PRO G 82 16.98 -23.03 10.83
N GLU G 83 18.08 -23.27 10.11
CA GLU G 83 19.32 -23.82 10.69
C GLU G 83 20.06 -22.73 11.48
N ILE G 84 20.15 -21.53 10.89
CA ILE G 84 20.88 -20.39 11.49
C ILE G 84 20.08 -19.80 12.66
N ALA G 85 18.77 -20.06 12.68
CA ALA G 85 17.82 -19.48 13.67
C ALA G 85 18.36 -19.60 15.10
N LEU G 86 18.82 -20.81 15.47
CA LEU G 86 19.21 -21.13 16.85
C LEU G 86 20.43 -20.29 17.28
N GLU G 87 21.46 -20.27 16.43
CA GLU G 87 22.70 -19.54 16.69
C GLU G 87 22.42 -18.03 16.69
N LEU G 88 21.60 -17.59 15.74
CA LEU G 88 21.27 -16.16 15.54
C LEU G 88 20.46 -15.64 16.75
N LEU G 89 19.59 -16.50 17.31
CA LEU G 89 18.81 -16.16 18.51
C LEU G 89 19.76 -15.83 19.67
N MET G 90 20.73 -16.72 19.89
CA MET G 90 21.73 -16.57 20.96
C MET G 90 22.58 -15.31 20.70
N ALA G 91 23.03 -15.15 19.45
CA ALA G 91 23.83 -14.01 19.02
C ALA G 91 23.07 -12.69 19.29
N ALA G 92 21.79 -12.68 18.91
CA ALA G 92 20.90 -11.52 19.10
C ALA G 92 20.75 -11.20 20.59
N ASN G 93 20.59 -12.25 21.41
CA ASN G 93 20.44 -12.13 22.87
C ASN G 93 21.73 -11.55 23.47
N PHE G 94 22.89 -11.99 22.95
CA PHE G 94 24.20 -11.55 23.41
C PHE G 94 24.43 -10.07 23.03
N LEU G 95 24.04 -9.70 21.80
CA LEU G 95 24.34 -8.38 21.22
C LEU G 95 23.26 -7.35 21.62
N ASP G 96 22.12 -7.82 22.16
CA ASP G 96 21.06 -6.96 22.70
C ASP G 96 20.50 -6.08 21.59
N CYS G 97 19.72 -6.70 20.70
CA CYS G 97 19.05 -6.00 19.59
C CYS G 97 17.96 -6.90 19.00
N PRO H 10 -13.51 1.29 31.51
CA PRO H 10 -12.19 0.96 30.95
C PRO H 10 -11.67 2.06 29.98
N VAL H 11 -10.35 2.07 29.76
CA VAL H 11 -9.67 3.17 29.07
C VAL H 11 -9.80 2.98 27.55
N LEU H 12 -9.13 1.95 27.02
CA LEU H 12 -9.10 1.68 25.57
C LEU H 12 -10.36 0.90 25.17
N ARG H 13 -11.30 1.60 24.54
CA ARG H 13 -12.58 1.04 24.14
C ARG H 13 -13.18 1.89 23.01
N SER H 14 -14.01 1.25 22.16
CA SER H 14 -14.76 1.93 21.12
C SER H 14 -15.92 2.72 21.75
N VAL H 15 -16.29 3.83 21.09
CA VAL H 15 -17.43 4.65 21.51
C VAL H 15 -18.64 4.26 20.65
N ASN H 16 -19.75 3.90 21.31
CA ASN H 16 -20.98 3.53 20.62
C ASN H 16 -21.63 4.80 20.06
N SER H 17 -21.02 5.34 19.00
CA SER H 17 -21.42 6.61 18.40
C SER H 17 -22.62 6.40 17.46
N ARG H 18 -22.62 5.27 16.74
CA ARG H 18 -23.61 4.94 15.71
C ARG H 18 -23.49 5.98 14.57
N GLU H 19 -22.27 6.49 14.36
CA GLU H 19 -21.95 7.47 13.33
C GLU H 19 -21.04 6.81 12.31
N PRO H 20 -21.44 6.71 11.01
CA PRO H 20 -20.72 5.89 10.05
C PRO H 20 -19.30 6.39 9.77
N SER H 21 -18.40 5.45 9.46
CA SER H 21 -17.03 5.75 9.07
C SER H 21 -16.49 4.63 8.18
N GLN H 22 -16.59 4.82 6.86
CA GLN H 22 -16.10 3.89 5.87
C GLN H 22 -14.58 3.83 5.93
N VAL H 23 -14.04 2.62 6.03
CA VAL H 23 -12.60 2.37 6.19
C VAL H 23 -12.17 1.36 5.11
N ILE H 24 -10.88 1.39 4.75
CA ILE H 24 -10.27 0.41 3.88
C ILE H 24 -9.07 -0.23 4.61
N PHE H 25 -9.25 -1.46 5.07
CA PHE H 25 -8.14 -2.28 5.55
C PHE H 25 -7.37 -2.82 4.34
N CYS H 26 -6.05 -2.60 4.32
CA CYS H 26 -5.18 -3.06 3.26
C CYS H 26 -3.95 -3.73 3.87
N ASN H 27 -3.91 -5.07 3.79
CA ASN H 27 -2.80 -5.86 4.27
C ASN H 27 -1.65 -5.74 3.28
N ARG H 28 -0.76 -4.77 3.53
CA ARG H 28 0.51 -4.62 2.80
C ARG H 28 1.63 -5.25 3.63
N SER H 29 1.44 -6.53 3.97
CA SER H 29 2.39 -7.31 4.77
C SER H 29 2.31 -8.77 4.33
N PRO H 30 3.34 -9.60 4.64
CA PRO H 30 3.34 -11.01 4.21
C PRO H 30 2.51 -11.93 5.12
N ARG H 31 2.10 -11.42 6.28
CA ARG H 31 1.33 -12.18 7.26
C ARG H 31 -0.14 -12.25 6.80
N VAL H 32 -0.88 -13.21 7.37
CA VAL H 32 -2.33 -13.28 7.26
C VAL H 32 -2.91 -12.46 8.43
N VAL H 33 -3.37 -11.24 8.12
CA VAL H 33 -3.75 -10.25 9.13
C VAL H 33 -5.07 -10.68 9.80
N LEU H 34 -5.14 -10.49 11.11
CA LEU H 34 -6.34 -10.70 11.93
C LEU H 34 -6.81 -9.36 12.48
N PRO H 35 -7.83 -8.71 11.86
CA PRO H 35 -8.39 -7.49 12.41
C PRO H 35 -9.06 -7.74 13.77
N VAL H 36 -8.70 -6.94 14.77
CA VAL H 36 -9.25 -7.03 16.13
C VAL H 36 -9.93 -5.70 16.46
N TRP H 37 -11.16 -5.80 16.99
CA TRP H 37 -11.96 -4.64 17.35
C TRP H 37 -12.26 -4.66 18.85
N LEU H 38 -11.87 -3.58 19.54
CA LEU H 38 -12.15 -3.40 20.96
C LEU H 38 -13.60 -2.92 21.11
N ASN H 39 -14.42 -3.71 21.83
CA ASN H 39 -15.85 -3.45 21.97
C ASN H 39 -16.06 -2.29 22.97
N PHE H 40 -17.33 -1.99 23.27
CA PHE H 40 -17.70 -0.79 24.04
C PHE H 40 -17.27 -0.93 25.50
N ASP H 41 -17.15 -2.16 25.99
CA ASP H 41 -16.61 -2.46 27.32
C ASP H 41 -15.08 -2.42 27.27
N GLY H 42 -14.50 -2.86 26.14
CA GLY H 42 -13.03 -2.86 25.92
C GLY H 42 -12.49 -4.23 25.53
N GLU H 43 -13.36 -5.25 25.53
CA GLU H 43 -13.01 -6.63 25.20
C GLU H 43 -12.76 -6.75 23.70
N PRO H 44 -11.61 -7.31 23.26
CA PRO H 44 -11.31 -7.44 21.83
C PRO H 44 -12.12 -8.55 21.13
N GLN H 45 -12.69 -8.22 19.96
CA GLN H 45 -13.45 -9.15 19.12
C GLN H 45 -12.66 -9.40 17.83
N PRO H 46 -12.29 -10.67 17.53
CA PRO H 46 -11.55 -10.97 16.31
C PRO H 46 -12.48 -11.07 15.08
N TYR H 47 -12.10 -10.36 14.00
CA TYR H 47 -12.86 -10.31 12.75
C TYR H 47 -12.21 -11.26 11.74
N PRO H 48 -12.92 -11.61 10.63
CA PRO H 48 -12.34 -12.45 9.57
C PRO H 48 -10.99 -11.91 9.08
N THR H 49 -10.07 -12.84 8.77
CA THR H 49 -8.69 -12.51 8.43
C THR H 49 -8.60 -11.88 7.04
N LEU H 50 -7.46 -11.24 6.78
CA LEU H 50 -7.12 -10.68 5.48
C LEU H 50 -5.87 -11.39 4.96
N PRO H 51 -5.92 -12.06 3.78
CA PRO H 51 -4.72 -12.66 3.19
C PRO H 51 -3.61 -11.63 2.93
N PRO H 52 -2.36 -12.07 2.66
CA PRO H 52 -1.28 -11.14 2.37
C PRO H 52 -1.44 -10.46 1.00
N GLY H 53 -1.21 -9.14 0.98
CA GLY H 53 -1.29 -8.33 -0.24
C GLY H 53 -2.71 -8.12 -0.73
N THR H 54 -3.67 -8.18 0.20
CA THR H 54 -5.10 -8.01 -0.10
C THR H 54 -5.68 -6.90 0.77
N GLY H 55 -6.91 -6.50 0.44
CA GLY H 55 -7.65 -5.49 1.20
C GLY H 55 -9.11 -5.50 0.81
N ARG H 56 -9.92 -4.77 1.58
CA ARG H 56 -11.36 -4.65 1.33
C ARG H 56 -11.91 -3.44 2.09
N ARG H 57 -13.11 -3.01 1.69
CA ARG H 57 -13.83 -1.94 2.35
C ARG H 57 -14.43 -2.47 3.66
N ILE H 58 -14.50 -1.59 4.66
CA ILE H 58 -15.00 -1.89 6.00
C ILE H 58 -15.94 -0.77 6.43
N HIS H 59 -17.08 -1.13 7.01
CA HIS H 59 -18.00 -0.15 7.58
C HIS H 59 -17.87 -0.17 9.11
N SER H 60 -16.91 0.63 9.61
CA SER H 60 -16.79 0.91 11.03
C SER H 60 -17.56 2.20 11.35
N TYR H 61 -17.42 2.68 12.58
CA TYR H 61 -18.11 3.88 13.05
C TYR H 61 -17.10 4.82 13.73
N ARG H 62 -17.51 6.07 13.94
CA ARG H 62 -16.64 7.12 14.48
C ARG H 62 -16.22 6.75 15.91
N GLY H 63 -14.91 6.83 16.18
CA GLY H 63 -14.34 6.61 17.51
C GLY H 63 -14.34 5.14 17.89
N HIS H 64 -13.98 4.27 16.93
CA HIS H 64 -13.90 2.83 17.12
C HIS H 64 -12.42 2.40 17.06
N LEU H 65 -11.95 1.77 18.16
CA LEU H 65 -10.55 1.32 18.27
C LEU H 65 -10.38 0.03 17.47
N TRP H 66 -9.24 -0.08 16.79
CA TRP H 66 -8.82 -1.26 16.07
C TRP H 66 -7.36 -1.58 16.39
N LEU H 67 -6.97 -2.82 16.11
CA LEU H 67 -5.58 -3.25 16.11
C LEU H 67 -5.49 -4.54 15.29
N PHE H 68 -4.31 -4.80 14.72
CA PHE H 68 -4.12 -5.85 13.73
C PHE H 68 -2.95 -6.74 14.15
N ARG H 69 -3.14 -8.05 14.00
CA ARG H 69 -2.18 -9.07 14.42
C ARG H 69 -2.02 -10.11 13.31
N ASP H 70 -1.10 -11.06 13.52
CA ASP H 70 -0.95 -12.22 12.66
C ASP H 70 -1.95 -13.29 13.13
N ALA H 71 -2.78 -13.78 12.20
CA ALA H 71 -3.85 -14.75 12.49
C ALA H 71 -3.27 -16.01 13.15
N GLY H 72 -2.07 -16.41 12.71
CA GLY H 72 -1.40 -17.61 13.21
C GLY H 72 -0.71 -17.38 14.55
N THR H 73 0.30 -16.51 14.55
CA THR H 73 1.25 -16.35 15.66
C THR H 73 0.77 -15.28 16.66
N HIS H 74 -0.20 -14.45 16.25
CA HIS H 74 -0.69 -13.29 17.04
C HIS H 74 0.46 -12.29 17.32
N ASP H 75 1.37 -12.16 16.34
CA ASP H 75 2.42 -11.14 16.36
C ASP H 75 1.79 -9.76 16.11
N GLY H 76 2.32 -8.74 16.77
CA GLY H 76 1.85 -7.36 16.62
C GLY H 76 2.28 -6.77 15.29
N LEU H 77 1.33 -6.08 14.62
CA LEU H 77 1.58 -5.38 13.36
C LEU H 77 1.29 -3.88 13.55
N LEU H 78 1.62 -3.08 12.53
CA LEU H 78 1.40 -1.64 12.53
C LEU H 78 0.32 -1.27 11.51
N VAL H 79 -0.42 -0.19 11.80
CA VAL H 79 -1.45 0.38 10.93
C VAL H 79 -1.27 1.90 10.91
N ASN H 80 -0.73 2.41 9.78
CA ASN H 80 -0.41 3.83 9.61
C ASN H 80 0.70 4.22 10.60
N GLN H 81 1.77 3.41 10.64
CA GLN H 81 2.95 3.62 11.48
C GLN H 81 2.55 3.78 12.96
N THR H 82 1.57 3.00 13.40
CA THR H 82 1.12 3.00 14.80
C THR H 82 0.36 1.70 15.10
N GLU H 83 0.15 1.44 16.39
CA GLU H 83 -0.41 0.17 16.89
C GLU H 83 -1.94 0.22 16.83
N LEU H 84 -2.54 1.31 17.35
CA LEU H 84 -4.00 1.48 17.40
C LEU H 84 -4.46 2.33 16.20
N PHE H 85 -5.63 1.97 15.64
CA PHE H 85 -6.27 2.70 14.55
C PHE H 85 -7.66 3.17 15.01
N VAL H 86 -7.94 4.46 14.78
CA VAL H 86 -9.23 5.09 15.11
C VAL H 86 -9.69 5.90 13.91
N PRO H 87 -10.78 5.49 13.22
CA PRO H 87 -11.29 6.25 12.07
C PRO H 87 -11.77 7.66 12.45
N SER H 88 -11.45 8.64 11.61
CA SER H 88 -12.02 9.99 11.66
C SER H 88 -13.47 9.92 11.13
N LEU H 89 -14.07 11.10 10.91
CA LEU H 89 -15.29 11.21 10.11
C LEU H 89 -14.89 11.48 8.65
N ASN H 90 -15.68 10.91 7.73
CA ASN H 90 -15.40 10.95 6.30
C ASN H 90 -15.55 12.39 5.78
N VAL H 91 -14.62 12.80 4.93
CA VAL H 91 -14.65 14.12 4.28
C VAL H 91 -15.14 13.92 2.84
N ASP H 92 -16.31 14.49 2.53
CA ASP H 92 -17.01 14.30 1.23
C ASP H 92 -17.29 12.80 1.02
N GLY H 93 -17.52 12.08 2.12
CA GLY H 93 -17.77 10.64 2.11
C GLY H 93 -16.62 9.83 1.51
N GLN H 94 -15.39 10.30 1.72
CA GLN H 94 -14.18 9.62 1.22
C GLN H 94 -13.72 8.61 2.28
N PRO H 95 -13.24 7.41 1.86
CA PRO H 95 -12.87 6.35 2.81
C PRO H 95 -11.55 6.63 3.53
N ILE H 96 -11.49 6.29 4.83
CA ILE H 96 -10.30 6.45 5.66
C ILE H 96 -9.45 5.18 5.50
N PHE H 97 -8.24 5.33 4.97
CA PHE H 97 -7.36 4.21 4.64
C PHE H 97 -6.59 3.77 5.89
N ALA H 98 -6.36 2.45 6.00
CA ALA H 98 -5.62 1.81 7.11
C ALA H 98 -4.56 0.87 6.54
N ASN H 99 -3.34 1.39 6.37
CA ASN H 99 -2.22 0.67 5.77
C ASN H 99 -1.57 -0.24 6.82
N ILE H 100 -1.93 -1.54 6.79
CA ILE H 100 -1.42 -2.54 7.73
C ILE H 100 -0.11 -3.12 7.19
N THR H 101 0.97 -2.97 7.98
CA THR H 101 2.34 -3.37 7.57
C THR H 101 3.07 -4.02 8.75
N LEU H 102 4.22 -4.64 8.45
CA LEU H 102 5.13 -5.18 9.46
C LEU H 102 5.83 -4.03 10.19
N PRO H 103 6.20 -4.21 11.47
CA PRO H 103 7.17 -3.33 12.12
C PRO H 103 8.60 -3.82 11.86
N VAL H 104 9.58 -3.04 12.33
CA VAL H 104 10.97 -3.43 12.31
C VAL H 104 11.25 -4.23 13.58
N TYR H 105 10.97 -5.55 13.53
CA TYR H 105 11.12 -6.45 14.67
C TYR H 105 12.58 -6.45 15.14
N THR H 106 12.78 -6.62 16.45
CA THR H 106 14.11 -6.84 17.03
C THR H 106 14.61 -8.22 16.58
N LEU H 107 15.94 -8.34 16.44
CA LEU H 107 16.57 -9.58 15.97
C LEU H 107 16.23 -10.74 16.91
N LYS H 108 16.10 -10.43 18.22
CA LYS H 108 15.72 -11.42 19.24
C LYS H 108 14.28 -11.87 19.00
N GLU H 109 13.33 -10.92 19.00
CA GLU H 109 11.89 -11.21 18.88
C GLU H 109 11.59 -11.85 17.52
N ARG H 110 12.36 -11.48 16.49
CA ARG H 110 12.20 -12.04 15.15
C ARG H 110 12.74 -13.48 15.13
N CYS H 111 13.85 -13.72 15.83
CA CYS H 111 14.44 -15.06 15.98
C CYS H 111 13.46 -15.99 16.74
N LEU H 112 12.82 -15.45 17.79
CA LEU H 112 11.83 -16.20 18.57
C LEU H 112 10.69 -16.66 17.65
N GLN H 113 10.13 -15.73 16.87
CA GLN H 113 9.00 -15.98 15.95
C GLN H 113 9.28 -17.19 15.05
N VAL H 114 10.54 -17.29 14.57
CA VAL H 114 10.97 -18.37 13.68
C VAL H 114 11.08 -19.68 14.46
N VAL H 115 11.72 -19.63 15.64
CA VAL H 115 11.89 -20.81 16.51
C VAL H 115 10.51 -21.30 16.96
N ARG H 116 9.65 -20.36 17.36
CA ARG H 116 8.27 -20.65 17.80
C ARG H 116 7.52 -21.44 16.72
N SER H 117 7.69 -21.05 15.46
CA SER H 117 6.96 -21.62 14.32
C SER H 117 7.49 -23.01 13.96
N LEU H 118 8.77 -23.28 14.26
CA LEU H 118 9.44 -24.53 13.86
C LEU H 118 9.50 -25.53 15.03
N VAL H 119 9.24 -25.08 16.25
CA VAL H 119 9.33 -25.92 17.46
C VAL H 119 8.03 -25.77 18.27
N LYS H 120 7.50 -26.92 18.74
CA LYS H 120 6.27 -26.96 19.55
C LYS H 120 6.58 -26.41 20.94
N PRO H 121 5.53 -26.00 21.72
CA PRO H 121 5.73 -25.51 23.09
C PRO H 121 6.45 -26.49 24.03
N GLU H 122 6.18 -27.80 23.84
CA GLU H 122 6.70 -28.86 24.74
C GLU H 122 8.15 -29.21 24.40
N ASN H 123 8.65 -28.73 23.25
CA ASN H 123 10.01 -29.02 22.78
C ASN H 123 10.93 -27.80 23.01
N TYR H 124 10.41 -26.76 23.66
CA TYR H 124 11.18 -25.51 23.92
C TYR H 124 12.35 -25.80 24.88
N ARG H 125 12.14 -26.75 25.81
CA ARG H 125 13.16 -27.10 26.82
C ARG H 125 13.95 -28.33 26.37
N ARG H 126 14.01 -28.56 25.04
CA ARG H 126 14.86 -29.58 24.42
C ARG H 126 15.88 -28.91 23.48
N LEU H 127 16.04 -27.57 23.63
CA LEU H 127 16.90 -26.77 22.76
C LEU H 127 18.18 -26.39 23.54
N ASP H 128 19.33 -26.41 22.83
CA ASP H 128 20.63 -26.10 23.40
C ASP H 128 20.81 -24.58 23.43
N ILE H 129 20.18 -23.93 24.43
CA ILE H 129 20.18 -22.48 24.59
C ILE H 129 20.25 -22.13 26.08
N VAL H 130 20.41 -20.83 26.37
CA VAL H 130 20.50 -20.31 27.74
C VAL H 130 19.13 -20.46 28.43
N ARG H 131 19.16 -20.61 29.76
CA ARG H 131 17.95 -20.84 30.59
C ARG H 131 16.92 -19.74 30.33
N SER H 132 17.37 -18.48 30.35
CA SER H 132 16.50 -17.28 30.23
C SER H 132 15.66 -17.32 28.94
N LEU H 133 16.20 -17.89 27.87
CA LEU H 133 15.55 -17.90 26.54
C LEU H 133 14.31 -18.82 26.54
N TYR H 134 14.28 -19.80 27.46
CA TYR H 134 13.12 -20.72 27.60
C TYR H 134 11.87 -19.91 27.98
N GLU H 135 12.02 -18.99 28.94
CA GLU H 135 10.93 -18.09 29.38
C GLU H 135 10.48 -17.20 28.21
N ASP H 136 11.46 -16.68 27.45
CA ASP H 136 11.22 -15.74 26.34
C ASP H 136 10.38 -16.41 25.25
N LEU H 137 10.73 -17.66 24.92
CA LEU H 137 10.00 -18.46 23.91
C LEU H 137 8.58 -18.74 24.40
N GLU H 138 8.47 -19.22 25.64
CA GLU H 138 7.17 -19.57 26.28
C GLU H 138 6.31 -18.31 26.43
N ASP H 139 6.95 -17.15 26.61
CA ASP H 139 6.27 -15.85 26.65
C ASP H 139 5.85 -15.47 25.22
N HIS H 140 4.69 -16.00 24.79
CA HIS H 140 4.14 -15.75 23.46
C HIS H 140 3.54 -14.35 23.42
N PRO H 141 3.33 -13.75 22.21
CA PRO H 141 2.70 -12.43 22.11
C PRO H 141 1.21 -12.50 22.41
N ASN H 142 0.78 -11.79 23.46
CA ASN H 142 -0.62 -11.77 23.91
C ASN H 142 -1.23 -10.39 23.61
N VAL H 143 -2.51 -10.39 23.25
CA VAL H 143 -3.26 -9.17 22.91
C VAL H 143 -3.57 -8.41 24.20
N GLN H 144 -4.18 -9.12 25.17
CA GLN H 144 -4.60 -8.55 26.47
C GLN H 144 -3.40 -7.95 27.20
N LYS H 145 -2.23 -8.59 27.07
CA LYS H 145 -0.99 -8.15 27.73
C LYS H 145 -0.50 -6.84 27.10
N ASP H 146 -0.62 -6.72 25.77
CA ASP H 146 -0.18 -5.55 25.01
C ASP H 146 -1.12 -4.36 25.28
N LEU H 147 -2.41 -4.64 25.46
CA LEU H 147 -3.43 -3.61 25.75
C LEU H 147 -3.18 -3.00 27.14
N GLU H 148 -2.69 -3.82 28.08
CA GLU H 148 -2.39 -3.39 29.46
C GLU H 148 -1.19 -2.43 29.47
N ARG H 149 -0.27 -2.62 28.52
CA ARG H 149 0.91 -1.73 28.36
C ARG H 149 0.45 -0.36 27.82
N LEU H 150 -0.30 -0.39 26.71
CA LEU H 150 -0.78 0.82 26.01
C LEU H 150 -1.66 1.66 26.94
N THR H 151 -2.46 0.98 27.78
CA THR H 151 -3.34 1.61 28.77
C THR H 151 -2.49 2.39 29.79
N GLN H 152 -1.38 1.78 30.23
CA GLN H 152 -0.46 2.38 31.22
C GLN H 152 0.33 3.53 30.57
N GLU H 153 0.70 3.36 29.30
CA GLU H 153 1.41 4.40 28.52
C GLU H 153 0.48 5.60 28.28
N ARG H 154 -0.81 5.31 28.05
CA ARG H 154 -1.84 6.35 27.85
C ARG H 154 -2.04 7.17 29.13
N ILE H 155 -1.94 6.51 30.28
CA ILE H 155 -2.08 7.14 31.62
C ILE H 155 -0.84 8.02 31.91
N ALA H 156 0.34 7.54 31.50
CA ALA H 156 1.62 8.26 31.69
C ALA H 156 1.65 9.54 30.87
N HIS H 157 0.93 9.53 29.72
CA HIS H 157 0.87 10.67 28.77
C HIS H 157 0.08 11.85 29.39
N GLN H 158 -0.88 11.55 30.27
CA GLN H 158 -1.74 12.58 30.87
C GLN H 158 -0.92 13.48 31.80
C10 LFE I . 8.09 27.32 5.55
C13 LFE I . 10.30 25.90 2.95
C17 LFE I . 8.79 22.24 0.89
C21 LFE I . 5.02 27.46 5.70
C22 LFE I . 3.79 27.83 6.58
C24 LFE I . 2.08 29.64 6.64
C28 LFE I . -1.03 27.01 5.20
C01 LFE I . 8.53 25.13 15.70
C02 LFE I . 8.74 25.59 14.23
N03 LFE I . 9.69 26.49 13.82
N04 LFE I . 9.57 26.66 12.41
C05 LFE I . 8.59 25.87 12.00
C06 LFE I . 8.00 25.68 10.47
C07 LFE I . 8.62 26.71 9.51
C08 LFE I . 8.26 26.43 7.96
N09 LFE I . 8.41 27.53 6.95
C11 LFE I . 9.42 27.38 4.71
O12 LFE I . 9.76 26.00 4.28
C14 LFE I . 9.09 25.87 1.91
O15 LFE I . 8.61 24.52 1.80
C16 LFE I . 9.30 23.71 0.77
O18 LFE I . 7.35 22.24 0.99
C19 LFE I . 7.13 28.39 5.06
O20 LFE I . 6.03 28.44 5.93
O23 LFE I . 2.94 28.77 5.83
C25 LFE I . 0.87 28.75 7.22
O26 LFE I . -0.32 29.00 6.44
C27 LFE I . -1.27 27.89 6.45
N29 LFE I . 0.11 27.28 4.32
C30 LFE I . 0.33 26.48 3.14
C31 LFE I . 1.14 27.30 2.04
C32 LFE I . 1.16 26.50 0.72
C33 LFE I . 2.61 27.57 2.47
C34 LFE I . 0.41 28.67 1.79
C35 LFE I . 1.09 25.19 3.50
N36 LFE I . 0.72 23.91 2.91
C37 LFE I . -0.28 23.65 2.06
C38 LFE I . -0.49 22.11 2.10
O39 LFE I . -1.41 21.78 3.04
C40 LFE I . 0.88 21.54 2.49
C41 LFE I . 1.47 22.51 3.23
C42 LFE I . 2.97 22.61 2.84
N43 LFE I . 3.96 21.88 3.62
C44 LFE I . 5.43 21.95 3.27
C45 LFE I . 5.81 20.79 2.35
C46 LFE I . 6.74 20.96 1.25
C47 LFE I . 7.04 19.87 0.44
C48 LFE I . 6.45 18.62 0.68
C49 LFE I . 6.80 17.41 -0.23
C50 LFE I . 8.12 16.88 -0.40
C51 LFE I . 9.39 17.42 0.27
N52 LFE I . 8.06 15.74 -1.33
C53 LFE I . 6.75 15.51 -1.76
S54 LFE I . 5.74 16.58 -1.09
C55 LFE I . 5.55 18.45 1.75
C56 LFE I . 5.22 19.53 2.57
O57 LFE I . 3.29 23.28 1.90
O58 LFE I . 2.00 25.24 4.25
O59 LFE I . -1.78 26.14 4.98
O60 LFE I . 7.89 25.35 7.63
N61 LFE I . 6.62 25.82 10.43
C62 LFE I . 5.68 25.55 11.44
C63 LFE I . 4.27 26.18 11.35
C64 LFE I . 3.70 26.49 10.08
C65 LFE I . 2.43 27.04 10.00
C66 LFE I . 1.71 27.29 11.15
CL LFE I . 0.09 28.01 11.04
C68 LFE I . 2.27 26.99 12.43
C69 LFE I . 3.55 26.43 12.51
C70 LFE I . 5.88 24.40 12.28
C71 LFE I . 6.97 24.28 13.03
S72 LFE I . 7.03 22.87 13.92
C73 LFE I . 5.65 22.23 13.44
C74 LFE I . 5.11 20.88 13.93
C75 LFE I . 5.00 23.12 12.51
C76 LFE I . 3.65 22.89 11.82
N77 LFE I . 8.03 25.19 13.11
C10 LFE J . -25.59 -7.09 10.04
C13 LFE J . -24.13 -9.86 11.32
C17 LFE J . -19.47 -9.07 10.50
C21 LFE J . -25.36 -4.55 11.75
C22 LFE J . -25.02 -4.15 13.21
C24 LFE J . -26.16 -3.06 15.13
C28 LFE J . -22.43 -0.95 15.96
C01 LFE J . -30.40 0.23 4.42
C02 LFE J . -29.90 -1.02 5.18
N03 LFE J . -30.58 -2.21 5.28
N04 LFE J . -29.82 -3.12 6.05
C05 LFE J . -28.71 -2.50 6.40
C06 LFE J . -27.46 -3.07 7.31
C07 LFE J . -27.77 -4.48 7.86
C08 LFE J . -26.52 -5.16 8.61
N09 LFE J . -26.70 -6.46 9.35
C11 LFE J . -25.55 -8.63 9.70
O12 LFE J . -24.21 -9.16 10.07
C14 LFE J . -22.84 -9.35 12.15
O15 LFE J . -21.83 -8.83 11.25
C16 LFE J . -20.85 -9.81 10.74
O18 LFE J . -19.61 -8.20 9.35
C19 LFE J . -25.73 -6.91 11.54
O20 LFE J . -26.28 -5.64 11.79
O23 LFE J . -26.01 -3.14 13.68
C25 LFE J . -25.92 -1.52 15.57
O26 LFE J . -24.66 -1.07 15.01
C27 LFE J . -23.79 -0.25 15.88
N29 LFE J . -22.39 -2.40 15.79
C30 LFE J . -21.16 -3.12 15.83
C31 LFE J . -21.39 -4.60 16.38
C32 LFE J . -22.15 -5.50 15.38
C33 LFE J . -22.18 -4.53 17.70
C34 LFE J . -20.01 -5.28 16.67
C35 LFE J . -20.57 -3.12 14.42
N36 LFE J . -19.17 -2.85 14.15
C37 LFE J . -18.21 -2.57 15.05
C38 LFE J . -16.97 -2.11 14.22
O39 LFE J . -16.97 -0.76 14.08
C40 LFE J . -17.15 -2.78 12.86
C41 LFE J . -18.48 -2.83 12.69
C42 LFE J . -18.88 -4.11 11.92
N43 LFE J . -19.27 -4.02 10.51
C44 LFE J . -19.66 -5.26 9.73
C45 LFE J . -18.42 -5.99 9.23
C46 LFE J . -18.44 -7.42 9.05
C47 LFE J . -17.29 -8.07 8.57
C48 LFE J . -16.13 -7.32 8.27
C49 LFE J . -14.85 -8.02 7.74
C50 LFE J . -14.80 -9.04 6.73
C51 LFE J . -16.03 -9.64 5.99
N52 LFE J . -13.41 -9.45 6.50
C53 LFE J . -12.53 -8.72 7.32
S54 LFE J . -13.37 -7.68 8.24
C55 LFE J . -16.13 -5.92 8.45
C56 LFE J . -17.27 -5.26 8.92
O57 LFE J . -18.88 -5.18 12.47
O58 LFE J . -21.29 -3.35 13.49
O59 LFE J . -21.44 -0.32 16.13
O60 LFE J . -25.46 -4.62 8.58
N61 LFE J . -27.19 -2.20 8.38
C62 LFE J . -27.21 -0.80 8.39
C63 LFE J . -27.08 -0.02 9.73
C64 LFE J . -27.76 1.23 9.88
C65 LFE J . -27.66 1.93 11.09
C66 LFE J . -26.89 1.44 12.12
CL LFE J . -26.75 2.33 13.64
C68 LFE J . -26.20 0.18 11.95
C69 LFE J . -26.31 -0.52 10.76
C70 LFE J . -26.96 -0.06 7.17
C71 LFE J . -27.69 -0.25 6.07
S72 LFE J . -27.22 0.70 4.78
C73 LFE J . -26.04 1.51 5.50
C74 LFE J . -25.19 2.59 4.82
C75 LFE J . -25.91 1.07 6.86
C76 LFE J . -24.88 1.60 7.88
N77 LFE J . -28.71 -1.19 5.89
#